data_2RNL
#
_entry.id   2RNL
#
_entity_poly.entity_id   1
_entity_poly.type   'polypeptide(L)'
_entity_poly.pdbx_seq_one_letter_code
;GSSGSSGKKNPCNAEFQNFCIHGECKYIEHLEAVTCKCQQEYFGERCGEK
;
_entity_poly.pdbx_strand_id   A
#
# COMPACT_ATOMS: atom_id res chain seq x y z
N GLY A 1 20.03 -3.69 -17.90
CA GLY A 1 20.21 -2.99 -19.16
C GLY A 1 20.13 -1.49 -19.00
N SER A 2 19.08 -0.89 -19.56
CA SER A 2 18.90 0.56 -19.48
C SER A 2 17.51 0.90 -18.95
N SER A 3 17.28 2.18 -18.70
CA SER A 3 15.99 2.64 -18.18
C SER A 3 14.89 2.44 -19.20
N GLY A 4 13.65 2.73 -18.80
CA GLY A 4 12.53 2.57 -19.71
C GLY A 4 11.26 2.16 -18.98
N SER A 5 10.87 2.96 -17.99
CA SER A 5 9.67 2.67 -17.21
C SER A 5 8.45 2.55 -18.12
N SER A 6 7.97 1.32 -18.30
CA SER A 6 6.82 1.07 -19.15
C SER A 6 5.55 0.90 -18.31
N GLY A 7 4.66 1.88 -18.41
CA GLY A 7 3.42 1.83 -17.65
C GLY A 7 3.65 1.53 -16.19
N LYS A 8 3.70 2.58 -15.36
CA LYS A 8 3.91 2.41 -13.94
C LYS A 8 2.58 2.30 -13.19
N LYS A 9 2.42 1.22 -12.43
CA LYS A 9 1.20 1.00 -11.67
C LYS A 9 1.47 0.10 -10.47
N ASN A 10 0.89 0.45 -9.32
CA ASN A 10 1.06 -0.33 -8.11
C ASN A 10 -0.20 -1.10 -7.77
N PRO A 11 -0.03 -2.30 -7.17
CA PRO A 11 -1.14 -3.16 -6.79
C PRO A 11 -1.95 -2.59 -5.62
N CYS A 12 -1.41 -1.54 -5.00
CA CYS A 12 -2.07 -0.90 -3.86
C CYS A 12 -3.38 -0.27 -4.30
N ASN A 13 -3.47 0.10 -5.57
CA ASN A 13 -4.68 0.72 -6.11
C ASN A 13 -5.19 -0.04 -7.33
N ALA A 14 -4.64 -1.23 -7.56
CA ALA A 14 -5.02 -2.05 -8.70
C ALA A 14 -5.86 -3.24 -8.24
N GLU A 15 -5.36 -3.98 -7.26
CA GLU A 15 -6.07 -5.15 -6.74
C GLU A 15 -6.23 -5.06 -5.22
N PHE A 16 -5.22 -4.50 -4.56
CA PHE A 16 -5.25 -4.36 -3.11
C PHE A 16 -5.86 -3.01 -2.71
N GLN A 17 -6.59 -2.41 -3.63
CA GLN A 17 -7.22 -1.12 -3.37
C GLN A 17 -8.21 -1.22 -2.21
N ASN A 18 -8.83 -2.38 -2.07
CA ASN A 18 -9.80 -2.61 -1.00
C ASN A 18 -9.11 -3.22 0.22
N PHE A 19 -7.82 -2.96 0.36
CA PHE A 19 -7.06 -3.47 1.49
C PHE A 19 -6.75 -2.38 2.50
N CYS A 20 -5.96 -1.39 2.08
CA CYS A 20 -5.60 -0.28 2.94
C CYS A 20 -6.76 0.70 3.09
N ILE A 21 -7.60 0.46 4.08
CA ILE A 21 -8.76 1.32 4.33
C ILE A 21 -8.32 2.73 4.71
N HIS A 22 -7.61 2.84 5.82
CA HIS A 22 -7.13 4.13 6.29
C HIS A 22 -5.63 4.08 6.60
N GLY A 23 -4.82 4.43 5.60
CA GLY A 23 -3.38 4.40 5.77
C GLY A 23 -2.63 4.51 4.46
N GLU A 24 -1.32 4.72 4.54
CA GLU A 24 -0.50 4.85 3.34
C GLU A 24 -0.06 3.46 2.85
N CYS A 25 -0.33 3.19 1.57
CA CYS A 25 0.04 1.91 0.98
C CYS A 25 1.35 2.02 0.22
N LYS A 26 2.20 1.02 0.37
CA LYS A 26 3.51 1.00 -0.30
C LYS A 26 3.85 -0.41 -0.76
N TYR A 27 3.77 -0.64 -2.08
CA TYR A 27 4.08 -1.94 -2.65
C TYR A 27 5.58 -2.21 -2.62
N ILE A 28 5.96 -3.32 -2.00
CA ILE A 28 7.36 -3.70 -1.91
C ILE A 28 7.81 -4.50 -3.12
N GLU A 29 8.86 -4.05 -3.78
CA GLU A 29 9.39 -4.73 -4.96
C GLU A 29 10.36 -5.83 -4.56
N HIS A 30 11.42 -5.44 -3.85
CA HIS A 30 12.44 -6.40 -3.42
C HIS A 30 11.79 -7.61 -2.75
N LEU A 31 10.56 -7.43 -2.30
CA LEU A 31 9.83 -8.52 -1.65
C LEU A 31 8.56 -8.86 -2.41
N GLU A 32 8.26 -8.08 -3.45
CA GLU A 32 7.07 -8.30 -4.26
C GLU A 32 5.85 -8.54 -3.38
N ALA A 33 5.71 -7.73 -2.34
CA ALA A 33 4.59 -7.84 -1.43
C ALA A 33 4.00 -6.47 -1.08
N VAL A 34 2.69 -6.37 -1.11
CA VAL A 34 2.00 -5.12 -0.80
C VAL A 34 1.72 -5.00 0.69
N THR A 35 1.86 -3.80 1.24
CA THR A 35 1.62 -3.55 2.65
C THR A 35 0.80 -2.29 2.86
N CYS A 36 0.19 -2.16 4.03
CA CYS A 36 -0.63 -1.00 4.36
C CYS A 36 -0.18 -0.36 5.67
N LYS A 37 0.43 0.81 5.57
CA LYS A 37 0.91 1.53 6.75
C LYS A 37 -0.25 2.17 7.51
N CYS A 38 -0.28 1.96 8.82
CA CYS A 38 -1.34 2.52 9.65
C CYS A 38 -0.82 3.72 10.46
N GLN A 39 -1.53 4.83 10.38
CA GLN A 39 -1.14 6.04 11.10
C GLN A 39 -1.16 5.80 12.61
N GLN A 40 -0.88 6.85 13.37
CA GLN A 40 -0.87 6.77 14.82
C GLN A 40 -2.24 6.38 15.35
N GLU A 41 -3.29 6.96 14.78
CA GLU A 41 -4.65 6.68 15.19
C GLU A 41 -5.05 5.26 14.81
N TYR A 42 -4.69 4.86 13.60
CA TYR A 42 -5.02 3.52 13.12
C TYR A 42 -3.94 2.51 13.49
N PHE A 43 -4.24 1.23 13.33
CA PHE A 43 -3.29 0.18 13.66
C PHE A 43 -3.68 -1.13 12.98
N GLY A 44 -2.82 -2.14 13.12
CA GLY A 44 -3.10 -3.43 12.52
C GLY A 44 -2.52 -3.55 11.12
N GLU A 45 -3.21 -4.30 10.26
CA GLU A 45 -2.75 -4.50 8.89
C GLU A 45 -3.48 -3.53 7.94
N ARG A 46 -4.79 -3.71 7.81
CA ARG A 46 -5.59 -2.86 6.94
C ARG A 46 -5.66 -1.44 7.48
N CYS A 47 -5.69 -1.31 8.81
CA CYS A 47 -5.76 0.00 9.45
C CYS A 47 -7.15 0.60 9.33
N GLY A 48 -8.17 -0.24 9.50
CA GLY A 48 -9.54 0.22 9.41
C GLY A 48 -10.04 0.83 10.70
N GLU A 49 -9.53 0.33 11.82
CA GLU A 49 -9.93 0.84 13.13
C GLU A 49 -8.98 1.93 13.60
N LYS A 50 -9.54 2.95 14.26
CA LYS A 50 -8.74 4.06 14.77
C LYS A 50 -9.00 4.27 16.26
N GLY A 1 7.44 11.00 1.73
CA GLY A 1 8.00 10.28 0.60
C GLY A 1 6.95 9.91 -0.44
N SER A 2 7.21 10.25 -1.69
CA SER A 2 6.28 9.96 -2.77
C SER A 2 7.00 9.34 -3.96
N SER A 3 6.23 8.77 -4.88
CA SER A 3 6.80 8.13 -6.07
C SER A 3 8.03 8.90 -6.56
N GLY A 4 8.94 8.19 -7.22
CA GLY A 4 10.14 8.82 -7.74
C GLY A 4 10.40 8.48 -9.19
N SER A 5 11.40 7.63 -9.43
CA SER A 5 11.75 7.24 -10.78
C SER A 5 11.53 5.73 -10.98
N SER A 6 10.29 5.35 -11.26
CA SER A 6 9.94 3.96 -11.46
C SER A 6 8.58 3.82 -12.14
N GLY A 7 8.32 2.65 -12.70
CA GLY A 7 7.05 2.42 -13.38
C GLY A 7 5.85 2.65 -12.46
N LYS A 8 4.73 3.02 -13.06
CA LYS A 8 3.51 3.27 -12.30
C LYS A 8 2.60 2.06 -12.30
N LYS A 9 3.16 0.91 -11.93
CA LYS A 9 2.39 -0.34 -11.89
C LYS A 9 2.46 -0.97 -10.50
N ASN A 10 1.45 -0.71 -9.68
CA ASN A 10 1.41 -1.25 -8.34
C ASN A 10 0.02 -1.82 -8.03
N PRO A 11 -0.01 -2.91 -7.26
CA PRO A 11 -1.27 -3.58 -6.88
C PRO A 11 -2.08 -2.76 -5.90
N CYS A 12 -1.39 -1.96 -5.08
CA CYS A 12 -2.06 -1.11 -4.10
C CYS A 12 -3.22 -0.36 -4.72
N ASN A 13 -3.15 -0.14 -6.03
CA ASN A 13 -4.19 0.58 -6.75
C ASN A 13 -4.86 -0.33 -7.79
N ALA A 14 -4.26 -1.51 -8.00
CA ALA A 14 -4.80 -2.46 -8.96
C ALA A 14 -5.97 -3.23 -8.37
N GLU A 15 -5.69 -4.09 -7.40
CA GLU A 15 -6.72 -4.90 -6.75
C GLU A 15 -6.78 -4.59 -5.25
N PHE A 16 -5.69 -4.07 -4.72
CA PHE A 16 -5.63 -3.74 -3.30
C PHE A 16 -6.05 -2.29 -3.06
N GLN A 17 -6.74 -1.71 -4.03
CA GLN A 17 -7.21 -0.33 -3.92
C GLN A 17 -8.15 -0.17 -2.73
N ASN A 18 -8.99 -1.17 -2.51
CA ASN A 18 -9.95 -1.13 -1.40
C ASN A 18 -9.39 -1.85 -0.18
N PHE A 19 -8.44 -2.76 -0.42
CA PHE A 19 -7.84 -3.52 0.67
C PHE A 19 -7.64 -2.65 1.90
N CYS A 20 -6.69 -1.74 1.83
CA CYS A 20 -6.40 -0.83 2.95
C CYS A 20 -7.62 -0.01 3.31
N ILE A 21 -7.76 0.31 4.59
CA ILE A 21 -8.89 1.10 5.07
C ILE A 21 -8.43 2.45 5.61
N HIS A 22 -7.69 2.42 6.71
CA HIS A 22 -7.18 3.64 7.32
C HIS A 22 -5.66 3.70 7.25
N GLY A 23 -5.14 4.16 6.12
CA GLY A 23 -3.70 4.26 5.95
C GLY A 23 -3.29 4.24 4.49
N GLU A 24 -2.04 4.62 4.23
CA GLU A 24 -1.53 4.65 2.87
C GLU A 24 -1.05 3.28 2.43
N CYS A 25 -1.06 3.03 1.12
CA CYS A 25 -0.62 1.76 0.57
C CYS A 25 0.71 1.90 -0.14
N LYS A 26 1.59 0.92 0.06
CA LYS A 26 2.91 0.94 -0.57
C LYS A 26 3.39 -0.48 -0.87
N TYR A 27 3.36 -0.85 -2.15
CA TYR A 27 3.80 -2.18 -2.56
C TYR A 27 5.30 -2.34 -2.42
N ILE A 28 5.72 -3.35 -1.67
CA ILE A 28 7.13 -3.61 -1.45
C ILE A 28 7.72 -4.44 -2.59
N GLU A 29 8.78 -3.92 -3.21
CA GLU A 29 9.43 -4.62 -4.32
C GLU A 29 10.50 -5.57 -3.80
N HIS A 30 11.53 -5.00 -3.17
CA HIS A 30 12.63 -5.80 -2.63
C HIS A 30 12.10 -7.05 -1.94
N LEU A 31 10.93 -6.94 -1.33
CA LEU A 31 10.31 -8.06 -0.64
C LEU A 31 9.20 -8.67 -1.47
N GLU A 32 8.72 -7.92 -2.46
CA GLU A 32 7.66 -8.40 -3.34
C GLU A 32 6.40 -8.73 -2.54
N ALA A 33 5.96 -7.77 -1.73
CA ALA A 33 4.77 -7.96 -0.91
C ALA A 33 4.03 -6.64 -0.72
N VAL A 34 2.70 -6.69 -0.79
CA VAL A 34 1.88 -5.50 -0.62
C VAL A 34 1.60 -5.22 0.86
N THR A 35 1.53 -3.95 1.22
CA THR A 35 1.27 -3.54 2.59
C THR A 35 0.65 -2.16 2.65
N CYS A 36 0.08 -1.82 3.81
CA CYS A 36 -0.56 -0.52 4.00
C CYS A 36 -0.03 0.16 5.25
N LYS A 37 0.60 1.31 5.06
CA LYS A 37 1.15 2.07 6.19
C LYS A 37 0.04 2.60 7.08
N CYS A 38 -0.02 2.11 8.31
CA CYS A 38 -1.03 2.55 9.27
C CYS A 38 -0.56 3.78 10.04
N GLN A 39 -1.44 4.77 10.15
CA GLN A 39 -1.11 5.99 10.86
C GLN A 39 -1.03 5.75 12.36
N GLN A 40 -0.20 6.54 13.04
CA GLN A 40 -0.02 6.40 14.49
C GLN A 40 -1.34 6.07 15.17
N GLU A 41 -2.43 6.67 14.68
CA GLU A 41 -3.75 6.44 15.24
C GLU A 41 -4.19 4.99 15.02
N TYR A 42 -4.05 4.52 13.79
CA TYR A 42 -4.43 3.15 13.44
C TYR A 42 -3.22 2.22 13.53
N PHE A 43 -3.49 0.93 13.36
CA PHE A 43 -2.43 -0.08 13.42
C PHE A 43 -2.97 -1.46 13.07
N GLY A 44 -2.10 -2.30 12.49
CA GLY A 44 -2.52 -3.64 12.11
C GLY A 44 -2.11 -3.98 10.69
N GLU A 45 -2.75 -5.00 10.13
CA GLU A 45 -2.44 -5.44 8.77
C GLU A 45 -3.07 -4.51 7.75
N ARG A 46 -4.39 -4.43 7.76
CA ARG A 46 -5.12 -3.57 6.83
C ARG A 46 -5.53 -2.25 7.51
N CYS A 47 -4.74 -1.83 8.49
CA CYS A 47 -5.02 -0.60 9.22
C CYS A 47 -6.51 -0.41 9.41
N GLY A 48 -7.21 -1.49 9.76
CA GLY A 48 -8.64 -1.42 9.98
C GLY A 48 -9.01 -1.47 11.44
N GLU A 49 -8.23 -0.80 12.28
CA GLU A 49 -8.47 -0.75 13.71
C GLU A 49 -7.71 0.39 14.37
N LYS A 50 -8.37 1.06 15.31
CA LYS A 50 -7.75 2.18 16.01
C LYS A 50 -7.34 1.76 17.42
N GLY A 1 7.26 4.89 -21.09
CA GLY A 1 8.29 4.93 -22.11
C GLY A 1 9.07 6.23 -22.07
N SER A 2 8.37 7.34 -21.89
CA SER A 2 9.01 8.65 -21.86
C SER A 2 8.72 9.36 -20.53
N SER A 3 9.58 10.29 -20.16
CA SER A 3 9.43 11.04 -18.91
C SER A 3 8.27 12.02 -19.02
N GLY A 4 7.09 11.59 -18.61
CA GLY A 4 5.92 12.44 -18.66
C GLY A 4 4.67 11.75 -18.15
N SER A 5 3.71 11.52 -19.03
CA SER A 5 2.46 10.87 -18.67
C SER A 5 2.73 9.59 -17.87
N SER A 6 3.50 8.68 -18.47
CA SER A 6 3.82 7.42 -17.82
C SER A 6 4.54 7.66 -16.49
N GLY A 7 3.86 7.36 -15.39
CA GLY A 7 4.45 7.55 -14.08
C GLY A 7 4.89 6.24 -13.45
N LYS A 8 4.00 5.64 -12.66
CA LYS A 8 4.31 4.37 -12.00
C LYS A 8 3.04 3.67 -11.56
N LYS A 9 2.96 2.36 -11.84
CA LYS A 9 1.79 1.57 -11.47
C LYS A 9 2.07 0.73 -10.23
N ASN A 10 1.05 0.53 -9.41
CA ASN A 10 1.19 -0.27 -8.19
C ASN A 10 -0.11 -0.99 -7.87
N PRO A 11 0.03 -2.19 -7.26
CA PRO A 11 -1.13 -3.02 -6.89
C PRO A 11 -1.94 -2.41 -5.74
N CYS A 12 -1.27 -1.62 -4.91
CA CYS A 12 -1.92 -0.96 -3.78
C CYS A 12 -3.26 -0.37 -4.19
N ASN A 13 -3.31 0.18 -5.41
CA ASN A 13 -4.53 0.79 -5.92
C ASN A 13 -5.10 -0.03 -7.07
N ALA A 14 -4.30 -0.96 -7.58
CA ALA A 14 -4.73 -1.82 -8.68
C ALA A 14 -5.77 -2.83 -8.22
N GLU A 15 -5.34 -3.79 -7.41
CA GLU A 15 -6.25 -4.82 -6.90
C GLU A 15 -6.27 -4.81 -5.36
N PHE A 16 -5.28 -4.15 -4.77
CA PHE A 16 -5.18 -4.07 -3.32
C PHE A 16 -5.76 -2.75 -2.82
N GLN A 17 -6.56 -2.10 -3.66
CA GLN A 17 -7.17 -0.83 -3.29
C GLN A 17 -8.05 -0.98 -2.06
N ASN A 18 -8.80 -2.07 -2.00
CA ASN A 18 -9.69 -2.33 -0.87
C ASN A 18 -8.89 -2.78 0.35
N PHE A 19 -7.69 -3.28 0.12
CA PHE A 19 -6.82 -3.74 1.20
C PHE A 19 -6.64 -2.65 2.25
N CYS A 20 -5.96 -1.57 1.85
CA CYS A 20 -5.72 -0.45 2.76
C CYS A 20 -6.95 0.45 2.86
N ILE A 21 -7.63 0.39 4.00
CA ILE A 21 -8.82 1.21 4.22
C ILE A 21 -8.44 2.61 4.68
N HIS A 22 -7.73 2.70 5.80
CA HIS A 22 -7.30 3.98 6.34
C HIS A 22 -5.81 3.99 6.62
N GLY A 23 -5.02 4.41 5.63
CA GLY A 23 -3.58 4.44 5.80
C GLY A 23 -2.85 4.53 4.47
N GLU A 24 -1.53 4.76 4.54
CA GLU A 24 -0.72 4.87 3.33
C GLU A 24 -0.26 3.49 2.86
N CYS A 25 -0.53 3.17 1.60
CA CYS A 25 -0.15 1.90 1.03
C CYS A 25 1.19 2.00 0.29
N LYS A 26 1.97 0.94 0.33
CA LYS A 26 3.27 0.91 -0.34
C LYS A 26 3.58 -0.50 -0.85
N TYR A 27 3.63 -0.64 -2.16
CA TYR A 27 3.92 -1.93 -2.79
C TYR A 27 5.42 -2.24 -2.73
N ILE A 28 5.77 -3.33 -2.05
CA ILE A 28 7.17 -3.74 -1.92
C ILE A 28 7.58 -4.65 -3.06
N GLU A 29 8.50 -4.19 -3.89
CA GLU A 29 8.98 -4.97 -5.02
C GLU A 29 10.14 -5.87 -4.60
N HIS A 30 11.21 -5.25 -4.11
CA HIS A 30 12.40 -5.99 -3.68
C HIS A 30 11.99 -7.29 -3.00
N LEU A 31 10.81 -7.31 -2.39
CA LEU A 31 10.32 -8.50 -1.71
C LEU A 31 9.10 -9.07 -2.43
N GLU A 32 8.47 -8.25 -3.25
CA GLU A 32 7.29 -8.68 -4.01
C GLU A 32 6.12 -8.97 -3.07
N ALA A 33 5.80 -7.99 -2.22
CA ALA A 33 4.70 -8.14 -1.27
C ALA A 33 3.94 -6.84 -1.09
N VAL A 34 2.72 -6.93 -0.57
CA VAL A 34 1.89 -5.75 -0.35
C VAL A 34 1.72 -5.46 1.13
N THR A 35 1.65 -4.19 1.49
CA THR A 35 1.49 -3.79 2.88
C THR A 35 0.76 -2.44 2.98
N CYS A 36 0.16 -2.20 4.14
CA CYS A 36 -0.57 -0.95 4.36
C CYS A 36 -0.17 -0.32 5.70
N LYS A 37 0.38 0.89 5.63
CA LYS A 37 0.81 1.60 6.83
C LYS A 37 -0.39 2.22 7.54
N CYS A 38 -0.39 2.13 8.87
CA CYS A 38 -1.47 2.68 9.68
C CYS A 38 -1.02 3.94 10.40
N GLN A 39 -1.86 4.97 10.35
CA GLN A 39 -1.55 6.24 11.01
C GLN A 39 -1.49 6.07 12.52
N GLN A 40 -0.89 7.04 13.20
CA GLN A 40 -0.77 7.00 14.66
C GLN A 40 -2.07 6.53 15.29
N GLU A 41 -3.19 6.96 14.73
CA GLU A 41 -4.50 6.59 15.25
C GLU A 41 -4.85 5.16 14.86
N TYR A 42 -4.56 4.79 13.62
CA TYR A 42 -4.85 3.45 13.12
C TYR A 42 -3.73 2.49 13.49
N PHE A 43 -4.02 1.19 13.36
CA PHE A 43 -3.05 0.16 13.70
C PHE A 43 -3.39 -1.15 13.01
N GLY A 44 -2.48 -2.12 13.09
CA GLY A 44 -2.70 -3.41 12.47
C GLY A 44 -2.08 -3.52 11.10
N GLU A 45 -2.70 -4.30 10.22
CA GLU A 45 -2.20 -4.47 8.86
C GLU A 45 -2.97 -3.61 7.87
N ARG A 46 -4.26 -3.91 7.71
CA ARG A 46 -5.11 -3.17 6.80
C ARG A 46 -5.21 -1.71 7.22
N CYS A 47 -5.17 -1.46 8.53
CA CYS A 47 -5.25 -0.11 9.06
C CYS A 47 -6.66 0.46 8.87
N GLY A 48 -7.65 -0.36 9.16
CA GLY A 48 -9.04 0.07 9.01
C GLY A 48 -9.78 0.08 10.34
N GLU A 49 -9.10 0.45 11.41
CA GLU A 49 -9.71 0.48 12.74
C GLU A 49 -8.91 1.38 13.67
N LYS A 50 -9.59 2.36 14.25
CA LYS A 50 -8.96 3.30 15.18
C LYS A 50 -9.37 3.01 16.61
N GLY A 1 10.46 5.42 -4.91
CA GLY A 1 10.58 6.80 -5.37
C GLY A 1 10.85 6.90 -6.85
N SER A 2 9.97 7.60 -7.57
CA SER A 2 10.12 7.77 -9.01
C SER A 2 9.64 9.14 -9.46
N SER A 3 9.89 9.48 -10.71
CA SER A 3 9.48 10.77 -11.26
C SER A 3 9.24 10.66 -12.76
N GLY A 4 8.46 11.60 -13.29
CA GLY A 4 8.16 11.61 -14.71
C GLY A 4 7.02 10.67 -15.05
N SER A 5 7.13 10.01 -16.21
CA SER A 5 6.10 9.08 -16.65
C SER A 5 6.53 7.63 -16.42
N SER A 6 5.59 6.81 -15.95
CA SER A 6 5.87 5.41 -15.68
C SER A 6 4.82 4.52 -16.34
N GLY A 7 5.17 3.24 -16.52
CA GLY A 7 4.24 2.31 -17.12
C GLY A 7 4.12 1.01 -16.33
N LYS A 8 3.72 1.13 -15.07
CA LYS A 8 3.55 -0.02 -14.21
C LYS A 8 2.38 0.17 -13.26
N LYS A 9 1.55 -0.86 -13.14
CA LYS A 9 0.38 -0.82 -12.26
C LYS A 9 0.72 -1.34 -10.86
N ASN A 10 0.31 -0.59 -9.85
CA ASN A 10 0.58 -0.98 -8.47
C ASN A 10 -0.58 -1.79 -7.90
N PRO A 11 -0.25 -2.78 -7.05
CA PRO A 11 -1.25 -3.65 -6.43
C PRO A 11 -2.09 -2.92 -5.39
N CYS A 12 -1.45 -2.02 -4.66
CA CYS A 12 -2.14 -1.24 -3.63
C CYS A 12 -3.27 -0.42 -4.23
N ASN A 13 -3.26 -0.29 -5.56
CA ASN A 13 -4.29 0.47 -6.27
C ASN A 13 -4.97 -0.39 -7.33
N ALA A 14 -4.27 -1.43 -7.77
CA ALA A 14 -4.80 -2.33 -8.79
C ALA A 14 -5.84 -3.27 -8.19
N GLU A 15 -5.37 -4.27 -7.45
CA GLU A 15 -6.26 -5.25 -6.82
C GLU A 15 -6.48 -4.91 -5.36
N PHE A 16 -5.41 -4.51 -4.67
CA PHE A 16 -5.50 -4.16 -3.26
C PHE A 16 -5.98 -2.72 -3.08
N GLN A 17 -6.60 -2.17 -4.12
CA GLN A 17 -7.11 -0.81 -4.08
C GLN A 17 -7.96 -0.59 -2.84
N ASN A 18 -8.88 -1.51 -2.59
CA ASN A 18 -9.76 -1.42 -1.43
C ASN A 18 -9.27 -2.29 -0.29
N PHE A 19 -7.96 -2.49 -0.24
CA PHE A 19 -7.35 -3.32 0.81
C PHE A 19 -7.02 -2.47 2.03
N CYS A 20 -6.30 -1.37 1.82
CA CYS A 20 -5.91 -0.49 2.91
C CYS A 20 -7.07 0.44 3.30
N ILE A 21 -7.84 0.02 4.29
CA ILE A 21 -8.98 0.81 4.74
C ILE A 21 -8.57 2.25 5.03
N HIS A 22 -7.58 2.42 5.91
CA HIS A 22 -7.09 3.74 6.26
C HIS A 22 -5.60 3.70 6.55
N GLY A 23 -4.80 4.25 5.63
CA GLY A 23 -3.36 4.27 5.80
C GLY A 23 -2.63 4.36 4.48
N GLU A 24 -1.33 4.63 4.55
CA GLU A 24 -0.50 4.73 3.35
C GLU A 24 -0.03 3.36 2.89
N CYS A 25 -0.38 3.01 1.65
CA CYS A 25 0.02 1.72 1.08
C CYS A 25 1.28 1.86 0.25
N LYS A 26 2.23 0.95 0.46
CA LYS A 26 3.49 0.96 -0.27
C LYS A 26 3.86 -0.44 -0.73
N TYR A 27 3.86 -0.66 -2.04
CA TYR A 27 4.21 -1.96 -2.60
C TYR A 27 5.72 -2.12 -2.71
N ILE A 28 6.24 -3.21 -2.16
CA ILE A 28 7.66 -3.49 -2.20
C ILE A 28 8.02 -4.36 -3.39
N GLU A 29 9.07 -3.97 -4.11
CA GLU A 29 9.53 -4.73 -5.28
C GLU A 29 10.50 -5.84 -4.87
N HIS A 30 11.54 -5.46 -4.14
CA HIS A 30 12.55 -6.41 -3.70
C HIS A 30 11.90 -7.60 -3.00
N LEU A 31 10.64 -7.43 -2.60
CA LEU A 31 9.90 -8.49 -1.92
C LEU A 31 8.62 -8.83 -2.68
N GLU A 32 8.16 -7.90 -3.51
CA GLU A 32 6.95 -8.11 -4.29
C GLU A 32 5.75 -8.39 -3.39
N ALA A 33 5.69 -7.68 -2.26
CA ALA A 33 4.61 -7.85 -1.31
C ALA A 33 3.84 -6.54 -1.12
N VAL A 34 2.64 -6.64 -0.53
CA VAL A 34 1.82 -5.46 -0.29
C VAL A 34 1.69 -5.18 1.20
N THR A 35 1.69 -3.90 1.55
CA THR A 35 1.58 -3.49 2.95
C THR A 35 0.92 -2.12 3.07
N CYS A 36 0.18 -1.91 4.16
CA CYS A 36 -0.49 -0.65 4.40
C CYS A 36 -0.14 -0.09 5.76
N LYS A 37 0.62 1.01 5.77
CA LYS A 37 1.04 1.64 7.02
C LYS A 37 -0.16 2.28 7.72
N CYS A 38 -0.21 2.12 9.04
CA CYS A 38 -1.30 2.68 9.83
C CYS A 38 -0.88 4.00 10.48
N GLN A 39 -1.75 5.00 10.37
CA GLN A 39 -1.47 6.31 10.94
C GLN A 39 -1.22 6.21 12.45
N GLN A 40 -1.06 7.36 13.10
CA GLN A 40 -0.81 7.40 14.53
C GLN A 40 -2.11 7.27 15.32
N GLU A 41 -3.17 6.83 14.63
CA GLU A 41 -4.47 6.67 15.25
C GLU A 41 -4.97 5.23 15.09
N TYR A 42 -4.65 4.63 13.96
CA TYR A 42 -5.07 3.25 13.69
C TYR A 42 -3.94 2.27 13.96
N PHE A 43 -4.27 0.98 13.97
CA PHE A 43 -3.28 -0.06 14.22
C PHE A 43 -3.65 -1.35 13.51
N GLY A 44 -2.69 -2.27 13.42
CA GLY A 44 -2.95 -3.54 12.75
C GLY A 44 -2.37 -3.58 11.35
N GLU A 45 -2.90 -4.48 10.53
CA GLU A 45 -2.44 -4.62 9.15
C GLU A 45 -3.21 -3.69 8.22
N ARG A 46 -4.51 -3.94 8.08
CA ARG A 46 -5.36 -3.14 7.22
C ARG A 46 -5.41 -1.69 7.70
N CYS A 47 -5.38 -1.52 9.02
CA CYS A 47 -5.42 -0.19 9.61
C CYS A 47 -6.81 0.43 9.46
N GLY A 48 -7.85 -0.36 9.75
CA GLY A 48 -9.21 0.13 9.64
C GLY A 48 -9.94 0.08 10.96
N GLU A 49 -9.25 0.46 12.03
CA GLU A 49 -9.85 0.46 13.36
C GLU A 49 -9.04 1.33 14.32
N LYS A 50 -9.72 2.27 14.97
CA LYS A 50 -9.06 3.17 15.91
C LYS A 50 -9.74 3.12 17.28
N GLY A 1 16.21 -0.99 -3.37
CA GLY A 1 15.96 0.44 -3.16
C GLY A 1 15.09 1.03 -4.26
N SER A 2 15.35 2.29 -4.58
CA SER A 2 14.58 2.99 -5.61
C SER A 2 14.58 2.19 -6.91
N SER A 3 13.39 1.96 -7.46
CA SER A 3 13.25 1.21 -8.70
C SER A 3 12.11 1.76 -9.54
N GLY A 4 12.06 1.35 -10.81
CA GLY A 4 11.02 1.81 -11.70
C GLY A 4 11.49 2.92 -12.62
N SER A 5 12.32 2.57 -13.59
CA SER A 5 12.86 3.54 -14.54
C SER A 5 11.72 4.28 -15.25
N SER A 6 10.96 3.54 -16.04
CA SER A 6 9.84 4.12 -16.78
C SER A 6 8.51 3.69 -16.18
N GLY A 7 7.80 4.66 -15.59
CA GLY A 7 6.51 4.36 -14.99
C GLY A 7 6.59 3.22 -13.99
N LYS A 8 5.45 2.87 -13.40
CA LYS A 8 5.39 1.79 -12.42
C LYS A 8 3.95 1.32 -12.21
N LYS A 9 3.79 0.22 -11.49
CA LYS A 9 2.47 -0.33 -11.21
C LYS A 9 2.45 -1.03 -9.86
N ASN A 10 1.62 -0.52 -8.95
CA ASN A 10 1.51 -1.10 -7.62
C ASN A 10 0.14 -1.74 -7.42
N PRO A 11 0.11 -2.84 -6.66
CA PRO A 11 -1.14 -3.58 -6.37
C PRO A 11 -2.07 -2.79 -5.45
N CYS A 12 -1.50 -1.87 -4.68
CA CYS A 12 -2.28 -1.06 -3.76
C CYS A 12 -3.47 -0.43 -4.46
N ASN A 13 -3.29 -0.06 -5.72
CA ASN A 13 -4.35 0.55 -6.51
C ASN A 13 -4.80 -0.39 -7.64
N ALA A 14 -4.38 -1.65 -7.56
CA ALA A 14 -4.75 -2.64 -8.56
C ALA A 14 -5.82 -3.59 -8.02
N GLU A 15 -5.43 -4.46 -7.10
CA GLU A 15 -6.35 -5.42 -6.51
C GLU A 15 -6.49 -5.19 -5.01
N PHE A 16 -5.63 -4.34 -4.46
CA PHE A 16 -5.65 -4.04 -3.04
C PHE A 16 -6.23 -2.66 -2.78
N GLN A 17 -6.92 -2.11 -3.78
CA GLN A 17 -7.52 -0.79 -3.67
C GLN A 17 -8.45 -0.72 -2.47
N ASN A 18 -9.23 -1.78 -2.27
CA ASN A 18 -10.17 -1.84 -1.16
C ASN A 18 -9.56 -2.57 0.04
N PHE A 19 -8.23 -2.50 0.14
CA PHE A 19 -7.52 -3.14 1.24
C PHE A 19 -7.16 -2.14 2.33
N CYS A 20 -6.33 -1.15 1.97
CA CYS A 20 -5.92 -0.12 2.91
C CYS A 20 -7.00 0.93 3.09
N ILE A 21 -7.93 0.66 4.01
CA ILE A 21 -9.02 1.59 4.28
C ILE A 21 -8.49 2.96 4.68
N HIS A 22 -7.71 3.00 5.75
CA HIS A 22 -7.14 4.25 6.24
C HIS A 22 -5.64 4.09 6.52
N GLY A 23 -4.81 4.55 5.59
CA GLY A 23 -3.38 4.45 5.76
C GLY A 23 -2.63 4.52 4.45
N GLU A 24 -1.32 4.77 4.52
CA GLU A 24 -0.50 4.87 3.32
C GLU A 24 -0.04 3.48 2.86
N CYS A 25 -0.36 3.14 1.62
CA CYS A 25 0.01 1.85 1.05
C CYS A 25 1.30 1.95 0.25
N LYS A 26 2.21 1.00 0.48
CA LYS A 26 3.49 1.00 -0.21
C LYS A 26 3.89 -0.42 -0.58
N TYR A 27 3.89 -0.71 -1.89
CA TYR A 27 4.26 -2.03 -2.38
C TYR A 27 5.76 -2.15 -2.58
N ILE A 28 6.34 -3.25 -2.12
CA ILE A 28 7.78 -3.48 -2.27
C ILE A 28 8.06 -4.45 -3.40
N GLU A 29 8.96 -4.05 -4.30
CA GLU A 29 9.33 -4.89 -5.45
C GLU A 29 10.45 -5.85 -5.06
N HIS A 30 11.46 -5.33 -4.38
CA HIS A 30 12.60 -6.13 -3.97
C HIS A 30 12.15 -7.31 -3.10
N LEU A 31 10.90 -7.25 -2.64
CA LEU A 31 10.35 -8.30 -1.80
C LEU A 31 9.02 -8.81 -2.37
N GLU A 32 8.53 -8.15 -3.42
CA GLU A 32 7.28 -8.53 -4.05
C GLU A 32 6.18 -8.72 -3.01
N ALA A 33 6.05 -7.76 -2.11
CA ALA A 33 5.04 -7.83 -1.06
C ALA A 33 4.35 -6.48 -0.88
N VAL A 34 3.06 -6.52 -0.53
CA VAL A 34 2.29 -5.30 -0.33
C VAL A 34 1.84 -5.17 1.13
N THR A 35 1.77 -3.94 1.61
CA THR A 35 1.36 -3.68 2.99
C THR A 35 0.76 -2.28 3.12
N CYS A 36 -0.06 -2.08 4.15
CA CYS A 36 -0.69 -0.80 4.40
C CYS A 36 -0.23 -0.21 5.72
N LYS A 37 0.42 0.95 5.66
CA LYS A 37 0.90 1.62 6.86
C LYS A 37 -0.24 2.31 7.60
N CYS A 38 -0.48 1.88 8.84
CA CYS A 38 -1.54 2.46 9.66
C CYS A 38 -1.03 3.67 10.44
N GLN A 39 -1.76 4.77 10.35
CA GLN A 39 -1.38 5.99 11.05
C GLN A 39 -1.24 5.75 12.55
N GLN A 40 -0.84 6.78 13.28
CA GLN A 40 -0.67 6.66 14.72
C GLN A 40 -1.96 6.21 15.39
N GLU A 41 -3.08 6.75 14.93
CA GLU A 41 -4.38 6.39 15.47
C GLU A 41 -4.82 5.00 15.01
N TYR A 42 -4.54 4.70 13.75
CA TYR A 42 -4.91 3.41 13.17
C TYR A 42 -3.82 2.36 13.47
N PHE A 43 -4.20 1.09 13.34
CA PHE A 43 -3.26 0.00 13.59
C PHE A 43 -3.70 -1.26 12.85
N GLY A 44 -2.86 -2.30 12.93
CA GLY A 44 -3.18 -3.55 12.26
C GLY A 44 -2.55 -3.64 10.88
N GLU A 45 -3.18 -4.43 10.00
CA GLU A 45 -2.68 -4.60 8.64
C GLU A 45 -3.47 -3.73 7.67
N ARG A 46 -4.79 -3.76 7.80
CA ARG A 46 -5.67 -2.98 6.93
C ARG A 46 -5.66 -1.51 7.33
N CYS A 47 -5.61 -1.25 8.63
CA CYS A 47 -5.60 0.11 9.14
C CYS A 47 -6.96 0.78 8.94
N GLY A 48 -8.02 0.10 9.38
CA GLY A 48 -9.36 0.64 9.23
C GLY A 48 -9.93 1.16 10.54
N GLU A 49 -9.42 0.63 11.65
CA GLU A 49 -9.87 1.03 12.97
C GLU A 49 -8.91 2.02 13.61
N LYS A 50 -9.46 3.07 14.21
CA LYS A 50 -8.65 4.09 14.86
C LYS A 50 -9.09 4.30 16.30
N GLY A 1 5.96 -13.17 -24.56
CA GLY A 1 5.03 -12.32 -25.27
C GLY A 1 5.52 -10.88 -25.38
N SER A 2 4.58 -9.96 -25.55
CA SER A 2 4.92 -8.55 -25.68
C SER A 2 4.20 -7.72 -24.60
N SER A 3 4.85 -6.64 -24.16
CA SER A 3 4.28 -5.77 -23.14
C SER A 3 4.77 -4.35 -23.30
N GLY A 4 3.99 -3.39 -22.82
CA GLY A 4 4.37 -1.99 -22.93
C GLY A 4 3.88 -1.18 -21.75
N SER A 5 4.76 -0.33 -21.21
CA SER A 5 4.41 0.51 -20.08
C SER A 5 5.33 1.73 -20.00
N SER A 6 4.74 2.91 -19.95
CA SER A 6 5.51 4.15 -19.87
C SER A 6 5.51 4.70 -18.45
N GLY A 7 4.33 4.81 -17.87
CA GLY A 7 4.21 5.32 -16.51
C GLY A 7 4.25 4.23 -15.47
N LYS A 8 4.79 4.55 -14.29
CA LYS A 8 4.89 3.59 -13.21
C LYS A 8 3.52 3.08 -12.80
N LYS A 9 3.48 1.87 -12.23
CA LYS A 9 2.23 1.28 -11.78
C LYS A 9 2.40 0.58 -10.44
N ASN A 10 1.32 0.51 -9.67
CA ASN A 10 1.35 -0.14 -8.36
C ASN A 10 0.06 -0.91 -8.11
N PRO A 11 0.18 -2.03 -7.39
CA PRO A 11 -0.96 -2.89 -7.05
C PRO A 11 -1.89 -2.24 -6.04
N CYS A 12 -1.33 -1.37 -5.21
CA CYS A 12 -2.12 -0.68 -4.19
C CYS A 12 -3.40 -0.11 -4.78
N ASN A 13 -3.30 0.43 -6.00
CA ASN A 13 -4.45 1.01 -6.68
C ASN A 13 -4.80 0.21 -7.93
N ALA A 14 -4.65 -1.11 -7.84
CA ALA A 14 -4.96 -2.00 -8.96
C ALA A 14 -5.86 -3.14 -8.53
N GLU A 15 -5.39 -3.93 -7.56
CA GLU A 15 -6.16 -5.07 -7.06
C GLU A 15 -6.25 -5.03 -5.54
N PHE A 16 -5.20 -4.53 -4.90
CA PHE A 16 -5.16 -4.44 -3.45
C PHE A 16 -5.79 -3.12 -2.97
N GLN A 17 -6.55 -2.48 -3.85
CA GLN A 17 -7.20 -1.22 -3.52
C GLN A 17 -8.16 -1.39 -2.34
N ASN A 18 -8.87 -2.51 -2.32
CA ASN A 18 -9.81 -2.80 -1.24
C ASN A 18 -9.12 -3.46 -0.06
N PHE A 19 -7.82 -3.21 0.07
CA PHE A 19 -7.03 -3.77 1.16
C PHE A 19 -6.88 -2.76 2.29
N CYS A 20 -6.14 -1.69 2.03
CA CYS A 20 -5.91 -0.65 3.03
C CYS A 20 -7.18 0.14 3.29
N ILE A 21 -7.52 0.30 4.57
CA ILE A 21 -8.73 1.04 4.95
C ILE A 21 -8.39 2.47 5.33
N HIS A 22 -7.57 2.63 6.37
CA HIS A 22 -7.16 3.95 6.83
C HIS A 22 -5.66 4.03 6.99
N GLY A 23 -4.98 4.45 5.92
CA GLY A 23 -3.52 4.56 5.96
C GLY A 23 -2.91 4.67 4.58
N GLU A 24 -1.59 4.77 4.51
CA GLU A 24 -0.89 4.89 3.24
C GLU A 24 -0.43 3.52 2.75
N CYS A 25 -0.65 3.26 1.46
CA CYS A 25 -0.27 1.99 0.86
C CYS A 25 1.09 2.11 0.15
N LYS A 26 1.91 1.08 0.29
CA LYS A 26 3.23 1.07 -0.34
C LYS A 26 3.58 -0.33 -0.83
N TYR A 27 3.66 -0.50 -2.15
CA TYR A 27 3.98 -1.79 -2.74
C TYR A 27 5.45 -2.15 -2.50
N ILE A 28 5.69 -3.38 -2.09
CA ILE A 28 7.04 -3.86 -1.82
C ILE A 28 7.60 -4.64 -3.01
N GLU A 29 8.67 -4.12 -3.60
CA GLU A 29 9.29 -4.78 -4.74
C GLU A 29 10.33 -5.80 -4.28
N HIS A 30 11.38 -5.32 -3.62
CA HIS A 30 12.45 -6.18 -3.13
C HIS A 30 11.87 -7.49 -2.57
N LEU A 31 10.76 -7.37 -1.85
CA LEU A 31 10.11 -8.54 -1.27
C LEU A 31 8.96 -9.03 -2.15
N GLU A 32 8.45 -8.13 -2.97
CA GLU A 32 7.35 -8.47 -3.88
C GLU A 32 6.07 -8.77 -3.09
N ALA A 33 5.70 -7.86 -2.20
CA ALA A 33 4.50 -8.03 -1.39
C ALA A 33 3.77 -6.70 -1.21
N VAL A 34 2.55 -6.76 -0.71
CA VAL A 34 1.74 -5.57 -0.48
C VAL A 34 1.53 -5.31 1.00
N THR A 35 1.60 -4.04 1.39
CA THR A 35 1.42 -3.66 2.78
C THR A 35 0.60 -2.38 2.91
N CYS A 36 0.09 -2.12 4.10
CA CYS A 36 -0.71 -0.92 4.35
C CYS A 36 -0.31 -0.27 5.67
N LYS A 37 0.32 0.89 5.58
CA LYS A 37 0.76 1.63 6.76
C LYS A 37 -0.45 2.11 7.57
N CYS A 38 -0.23 2.34 8.86
CA CYS A 38 -1.30 2.80 9.74
C CYS A 38 -0.86 4.05 10.51
N GLN A 39 -1.71 5.07 10.50
CA GLN A 39 -1.42 6.33 11.19
C GLN A 39 -1.28 6.10 12.69
N GLN A 40 -0.49 6.94 13.33
CA GLN A 40 -0.26 6.83 14.77
C GLN A 40 -1.54 6.43 15.49
N GLU A 41 -2.67 6.93 15.00
CA GLU A 41 -3.97 6.62 15.60
C GLU A 41 -4.45 5.23 15.18
N TYR A 42 -4.23 4.89 13.92
CA TYR A 42 -4.64 3.60 13.39
C TYR A 42 -3.53 2.57 13.55
N PHE A 43 -3.86 1.30 13.33
CA PHE A 43 -2.90 0.21 13.45
C PHE A 43 -3.50 -1.11 12.97
N GLY A 44 -2.68 -1.92 12.34
CA GLY A 44 -3.14 -3.21 11.84
C GLY A 44 -2.82 -3.42 10.37
N GLU A 45 -2.55 -4.67 10.01
CA GLU A 45 -2.22 -5.00 8.62
C GLU A 45 -3.03 -4.14 7.64
N ARG A 46 -4.30 -3.93 7.98
CA ARG A 46 -5.19 -3.14 7.13
C ARG A 46 -5.29 -1.71 7.65
N CYS A 47 -5.15 -1.54 8.96
CA CYS A 47 -5.22 -0.22 9.58
C CYS A 47 -6.66 0.29 9.59
N GLY A 48 -7.59 -0.59 9.94
CA GLY A 48 -8.99 -0.21 9.98
C GLY A 48 -9.40 0.34 11.33
N GLU A 49 -8.89 -0.28 12.40
CA GLU A 49 -9.20 0.15 13.76
C GLU A 49 -8.23 1.22 14.24
N LYS A 50 -8.68 2.06 15.15
CA LYS A 50 -7.84 3.12 15.70
C LYS A 50 -8.01 3.23 17.20
N GLY A 1 16.78 4.37 -7.56
CA GLY A 1 16.42 5.78 -7.51
C GLY A 1 15.00 6.05 -7.94
N SER A 2 14.44 7.16 -7.48
CA SER A 2 13.07 7.52 -7.82
C SER A 2 13.04 8.71 -8.77
N SER A 3 13.94 8.69 -9.76
CA SER A 3 14.02 9.77 -10.74
C SER A 3 12.82 9.73 -11.69
N GLY A 4 11.70 10.31 -11.24
CA GLY A 4 10.50 10.32 -12.07
C GLY A 4 9.81 8.98 -12.11
N SER A 5 8.48 9.00 -12.08
CA SER A 5 7.70 7.77 -12.11
C SER A 5 6.71 7.79 -13.27
N SER A 6 7.01 6.97 -14.29
CA SER A 6 6.15 6.89 -15.48
C SER A 6 5.88 5.43 -15.85
N GLY A 7 4.63 5.14 -16.17
CA GLY A 7 4.26 3.79 -16.54
C GLY A 7 4.72 2.76 -15.52
N LYS A 8 3.93 2.60 -14.46
CA LYS A 8 4.26 1.64 -13.41
C LYS A 8 3.00 1.27 -12.62
N LYS A 9 2.56 0.02 -12.76
CA LYS A 9 1.38 -0.45 -12.05
C LYS A 9 1.76 -1.01 -10.68
N ASN A 10 0.82 -0.97 -9.75
CA ASN A 10 1.05 -1.47 -8.40
C ASN A 10 -0.17 -2.22 -7.88
N PRO A 11 0.08 -3.23 -7.02
CA PRO A 11 -0.99 -4.04 -6.43
C PRO A 11 -1.82 -3.26 -5.42
N CYS A 12 -1.26 -2.16 -4.92
CA CYS A 12 -1.95 -1.32 -3.94
C CYS A 12 -3.15 -0.63 -4.58
N ASN A 13 -3.14 -0.53 -5.91
CA ASN A 13 -4.23 0.11 -6.64
C ASN A 13 -4.81 -0.83 -7.69
N ALA A 14 -4.07 -1.89 -8.00
CA ALA A 14 -4.51 -2.86 -8.99
C ALA A 14 -5.56 -3.80 -8.40
N GLU A 15 -5.16 -4.57 -7.39
CA GLU A 15 -6.07 -5.51 -6.75
C GLU A 15 -6.40 -5.06 -5.32
N PHE A 16 -5.38 -4.61 -4.60
CA PHE A 16 -5.56 -4.13 -3.23
C PHE A 16 -6.03 -2.69 -3.21
N GLN A 17 -6.56 -2.23 -4.34
CA GLN A 17 -7.05 -0.86 -4.45
C GLN A 17 -7.99 -0.52 -3.29
N ASN A 18 -8.79 -1.49 -2.87
CA ASN A 18 -9.73 -1.30 -1.77
C ASN A 18 -9.31 -2.12 -0.55
N PHE A 19 -8.01 -2.38 -0.44
CA PHE A 19 -7.48 -3.15 0.68
C PHE A 19 -7.31 -2.26 1.91
N CYS A 20 -6.37 -1.32 1.83
CA CYS A 20 -6.10 -0.41 2.94
C CYS A 20 -7.34 0.43 3.26
N ILE A 21 -7.67 0.51 4.54
CA ILE A 21 -8.82 1.28 4.98
C ILE A 21 -8.39 2.64 5.53
N HIS A 22 -7.71 2.62 6.67
CA HIS A 22 -7.24 3.84 7.30
C HIS A 22 -5.72 3.94 7.25
N GLY A 23 -5.21 4.32 6.08
CA GLY A 23 -3.76 4.44 5.91
C GLY A 23 -3.35 4.41 4.45
N GLU A 24 -2.11 4.82 4.19
CA GLU A 24 -1.59 4.84 2.83
C GLU A 24 -1.02 3.49 2.44
N CYS A 25 -1.02 3.20 1.15
CA CYS A 25 -0.50 1.93 0.64
C CYS A 25 0.82 2.13 -0.08
N LYS A 26 1.75 1.19 0.10
CA LYS A 26 3.06 1.27 -0.54
C LYS A 26 3.57 -0.12 -0.90
N TYR A 27 3.52 -0.45 -2.18
CA TYR A 27 3.97 -1.76 -2.66
C TYR A 27 5.49 -1.85 -2.60
N ILE A 28 6.00 -3.02 -2.23
CA ILE A 28 7.44 -3.24 -2.15
C ILE A 28 7.90 -4.29 -3.16
N GLU A 29 8.99 -4.00 -3.84
CA GLU A 29 9.54 -4.92 -4.84
C GLU A 29 10.49 -5.92 -4.19
N HIS A 30 11.42 -5.41 -3.40
CA HIS A 30 12.39 -6.26 -2.72
C HIS A 30 11.69 -7.34 -1.90
N LEU A 31 10.39 -7.16 -1.69
CA LEU A 31 9.61 -8.12 -0.92
C LEU A 31 8.42 -8.64 -1.73
N GLU A 32 8.03 -7.87 -2.74
CA GLU A 32 6.91 -8.24 -3.60
C GLU A 32 5.64 -8.48 -2.78
N ALA A 33 5.44 -7.63 -1.76
CA ALA A 33 4.27 -7.75 -0.90
C ALA A 33 3.55 -6.42 -0.78
N VAL A 34 2.29 -6.47 -0.35
CA VAL A 34 1.49 -5.25 -0.19
C VAL A 34 1.40 -4.85 1.28
N THR A 35 1.60 -3.57 1.54
CA THR A 35 1.54 -3.05 2.91
C THR A 35 0.91 -1.66 2.94
N CYS A 36 0.22 -1.36 4.04
CA CYS A 36 -0.43 -0.07 4.20
C CYS A 36 0.00 0.61 5.48
N LYS A 37 0.59 1.79 5.35
CA LYS A 37 1.07 2.55 6.51
C LYS A 37 -0.10 3.04 7.35
N CYS A 38 -0.27 2.44 8.53
CA CYS A 38 -1.35 2.81 9.43
C CYS A 38 -0.92 3.95 10.36
N GLN A 39 -1.69 5.03 10.36
CA GLN A 39 -1.38 6.18 11.19
C GLN A 39 -1.10 5.76 12.63
N GLN A 40 -0.23 6.50 13.30
CA GLN A 40 0.12 6.19 14.68
C GLN A 40 -1.10 5.73 15.48
N GLU A 41 -2.27 6.26 15.10
CA GLU A 41 -3.51 5.91 15.79
C GLU A 41 -4.00 4.53 15.33
N TYR A 42 -3.90 4.27 14.03
CA TYR A 42 -4.34 2.99 13.48
C TYR A 42 -3.17 2.01 13.40
N PHE A 43 -3.50 0.72 13.29
CA PHE A 43 -2.48 -0.32 13.21
C PHE A 43 -3.12 -1.68 12.93
N GLY A 44 -2.33 -2.58 12.37
CA GLY A 44 -2.83 -3.91 12.04
C GLY A 44 -3.17 -4.06 10.57
N GLU A 45 -4.02 -5.04 10.27
CA GLU A 45 -4.43 -5.29 8.89
C GLU A 45 -5.35 -4.19 8.38
N ARG A 46 -5.25 -3.87 7.10
CA ARG A 46 -6.08 -2.84 6.49
C ARG A 46 -6.23 -1.65 7.43
N CYS A 47 -5.26 -1.46 8.31
CA CYS A 47 -5.29 -0.36 9.26
C CYS A 47 -6.70 -0.10 9.75
N GLY A 48 -7.48 -1.16 9.91
CA GLY A 48 -8.85 -1.03 10.38
C GLY A 48 -8.98 -1.22 11.87
N GLU A 49 -8.05 -0.65 12.63
CA GLU A 49 -8.06 -0.77 14.08
C GLU A 49 -7.30 0.39 14.72
N LYS A 50 -7.99 1.13 15.58
CA LYS A 50 -7.38 2.26 16.27
C LYS A 50 -7.41 2.06 17.79
N GLY A 1 19.95 4.40 -4.09
CA GLY A 1 20.43 3.76 -5.30
C GLY A 1 19.50 2.65 -5.78
N SER A 2 18.32 3.05 -6.24
CA SER A 2 17.33 2.09 -6.73
C SER A 2 17.28 2.09 -8.25
N SER A 3 16.97 0.93 -8.82
CA SER A 3 16.90 0.79 -10.28
C SER A 3 16.05 1.90 -10.88
N GLY A 4 16.65 2.66 -11.79
CA GLY A 4 15.94 3.74 -12.43
C GLY A 4 15.14 3.29 -13.65
N SER A 5 14.17 2.41 -13.42
CA SER A 5 13.35 1.88 -14.50
C SER A 5 11.91 2.35 -14.36
N SER A 6 11.17 2.34 -15.47
CA SER A 6 9.78 2.78 -15.47
C SER A 6 8.93 1.88 -14.57
N GLY A 7 8.03 2.50 -13.81
CA GLY A 7 7.18 1.75 -12.92
C GLY A 7 5.99 1.13 -13.63
N LYS A 8 5.06 0.58 -12.87
CA LYS A 8 3.87 -0.05 -13.44
C LYS A 8 2.68 0.08 -12.50
N LYS A 9 1.49 -0.23 -13.01
CA LYS A 9 0.27 -0.15 -12.22
C LYS A 9 0.45 -0.82 -10.87
N ASN A 10 0.64 -0.01 -9.83
CA ASN A 10 0.83 -0.53 -8.48
C ASN A 10 -0.40 -1.32 -8.02
N PRO A 11 -0.16 -2.40 -7.26
CA PRO A 11 -1.23 -3.25 -6.74
C PRO A 11 -2.06 -2.55 -5.68
N CYS A 12 -1.44 -1.63 -4.95
CA CYS A 12 -2.12 -0.89 -3.90
C CYS A 12 -3.43 -0.30 -4.40
N ASN A 13 -3.43 0.13 -5.66
CA ASN A 13 -4.61 0.72 -6.27
C ASN A 13 -5.17 -0.18 -7.37
N ALA A 14 -4.71 -1.43 -7.38
CA ALA A 14 -5.16 -2.40 -8.38
C ALA A 14 -6.11 -3.42 -7.76
N GLU A 15 -5.63 -4.11 -6.73
CA GLU A 15 -6.42 -5.12 -6.04
C GLU A 15 -6.49 -4.85 -4.54
N PHE A 16 -5.43 -4.24 -4.02
CA PHE A 16 -5.36 -3.92 -2.59
C PHE A 16 -5.93 -2.53 -2.32
N GLN A 17 -6.72 -2.03 -3.25
CA GLN A 17 -7.32 -0.71 -3.12
C GLN A 17 -8.12 -0.62 -1.82
N ASN A 18 -8.86 -1.67 -1.51
CA ASN A 18 -9.67 -1.71 -0.29
C ASN A 18 -8.87 -2.26 0.88
N PHE A 19 -7.92 -3.15 0.59
CA PHE A 19 -7.09 -3.75 1.61
C PHE A 19 -6.73 -2.74 2.70
N CYS A 20 -6.34 -1.54 2.27
CA CYS A 20 -5.97 -0.48 3.19
C CYS A 20 -6.99 0.65 3.16
N ILE A 21 -7.98 0.58 4.05
CA ILE A 21 -9.01 1.60 4.12
C ILE A 21 -8.42 2.99 4.32
N HIS A 22 -7.73 3.18 5.44
CA HIS A 22 -7.10 4.46 5.74
C HIS A 22 -5.63 4.27 6.10
N GLY A 23 -4.74 4.68 5.20
CA GLY A 23 -3.32 4.54 5.45
C GLY A 23 -2.51 4.63 4.18
N GLU A 24 -1.20 4.80 4.33
CA GLU A 24 -0.29 4.89 3.19
C GLU A 24 0.11 3.51 2.69
N CYS A 25 -0.18 3.23 1.43
CA CYS A 25 0.16 1.95 0.83
C CYS A 25 1.45 2.04 0.02
N LYS A 26 2.32 1.05 0.19
CA LYS A 26 3.59 1.01 -0.52
C LYS A 26 3.93 -0.41 -0.97
N TYR A 27 3.83 -0.65 -2.28
CA TYR A 27 4.11 -1.96 -2.83
C TYR A 27 5.61 -2.26 -2.78
N ILE A 28 5.95 -3.47 -2.34
CA ILE A 28 7.35 -3.88 -2.24
C ILE A 28 7.74 -4.75 -3.43
N GLU A 29 8.73 -4.28 -4.20
CA GLU A 29 9.20 -5.02 -5.37
C GLU A 29 10.30 -6.00 -4.97
N HIS A 30 11.42 -5.46 -4.50
CA HIS A 30 12.55 -6.30 -4.09
C HIS A 30 12.07 -7.55 -3.37
N LEU A 31 10.95 -7.43 -2.67
CA LEU A 31 10.38 -8.55 -1.92
C LEU A 31 9.13 -9.07 -2.61
N GLU A 32 8.54 -8.25 -3.48
CA GLU A 32 7.34 -8.63 -4.19
C GLU A 32 6.18 -8.88 -3.23
N ALA A 33 6.01 -7.98 -2.28
CA ALA A 33 4.95 -8.10 -1.29
C ALA A 33 4.25 -6.76 -1.06
N VAL A 34 3.01 -6.81 -0.58
CA VAL A 34 2.23 -5.60 -0.32
C VAL A 34 2.29 -5.22 1.15
N THR A 35 2.37 -3.91 1.41
CA THR A 35 2.44 -3.41 2.78
C THR A 35 1.73 -2.07 2.90
N CYS A 36 1.23 -1.77 4.10
CA CYS A 36 0.52 -0.52 4.35
C CYS A 36 0.82 0.00 5.75
N LYS A 37 0.97 1.31 5.88
CA LYS A 37 1.25 1.93 7.17
C LYS A 37 -0.01 2.56 7.76
N CYS A 38 -0.40 2.11 8.94
CA CYS A 38 -1.59 2.63 9.61
C CYS A 38 -1.23 3.80 10.52
N GLN A 39 -1.93 4.91 10.34
CA GLN A 39 -1.69 6.10 11.14
C GLN A 39 -1.80 5.80 12.63
N GLN A 40 -1.17 6.63 13.45
CA GLN A 40 -1.21 6.44 14.90
C GLN A 40 -2.58 5.99 15.36
N GLU A 41 -3.62 6.64 14.83
CA GLU A 41 -4.99 6.31 15.19
C GLU A 41 -5.35 4.91 14.70
N TYR A 42 -5.00 4.60 13.46
CA TYR A 42 -5.28 3.30 12.87
C TYR A 42 -4.25 2.26 13.29
N PHE A 43 -4.63 1.00 13.24
CA PHE A 43 -3.74 -0.09 13.62
C PHE A 43 -4.25 -1.43 13.10
N GLY A 44 -3.34 -2.36 12.87
CA GLY A 44 -3.72 -3.67 12.38
C GLY A 44 -3.45 -3.83 10.89
N GLU A 45 -3.26 -5.06 10.45
CA GLU A 45 -2.99 -5.35 9.05
C GLU A 45 -3.79 -4.41 8.15
N ARG A 46 -5.11 -4.41 8.34
CA ARG A 46 -5.98 -3.57 7.54
C ARG A 46 -6.30 -2.26 8.26
N CYS A 47 -5.49 -1.23 8.00
CA CYS A 47 -5.67 0.07 8.63
C CYS A 47 -7.13 0.53 8.52
N GLY A 48 -7.76 0.74 9.66
CA GLY A 48 -9.15 1.19 9.67
C GLY A 48 -9.66 1.46 11.07
N GLU A 49 -9.48 0.50 11.97
CA GLU A 49 -9.92 0.64 13.34
C GLU A 49 -8.95 1.50 14.14
N LYS A 50 -9.50 2.39 14.97
CA LYS A 50 -8.68 3.27 15.80
C LYS A 50 -9.29 3.44 17.19
N GLY A 1 11.86 13.16 -2.17
CA GLY A 1 11.95 11.78 -1.75
C GLY A 1 11.31 10.83 -2.76
N SER A 2 9.99 10.91 -2.89
CA SER A 2 9.26 10.05 -3.81
C SER A 2 8.85 10.82 -5.06
N SER A 3 8.32 12.03 -4.85
CA SER A 3 7.87 12.87 -5.95
C SER A 3 7.25 12.03 -7.07
N GLY A 4 6.45 11.04 -6.68
CA GLY A 4 5.81 10.18 -7.65
C GLY A 4 6.80 9.29 -8.38
N SER A 5 6.39 8.05 -8.66
CA SER A 5 7.24 7.11 -9.35
C SER A 5 6.59 6.62 -10.63
N SER A 6 6.93 7.25 -11.75
CA SER A 6 6.36 6.88 -13.05
C SER A 6 7.07 5.66 -13.61
N GLY A 7 6.45 4.49 -13.47
CA GLY A 7 7.04 3.27 -13.98
C GLY A 7 6.23 2.04 -13.60
N LYS A 8 6.89 1.05 -13.02
CA LYS A 8 6.22 -0.18 -12.61
C LYS A 8 5.00 0.12 -11.76
N LYS A 9 3.84 -0.34 -12.21
CA LYS A 9 2.59 -0.13 -11.49
C LYS A 9 2.55 -0.96 -10.22
N ASN A 10 1.67 -0.58 -9.29
CA ASN A 10 1.53 -1.30 -8.03
C ASN A 10 0.12 -1.88 -7.88
N PRO A 11 0.01 -3.00 -7.17
CA PRO A 11 -1.27 -3.67 -6.94
C PRO A 11 -2.17 -2.89 -6.01
N CYS A 12 -1.58 -1.97 -5.25
CA CYS A 12 -2.34 -1.14 -4.31
C CYS A 12 -3.39 -0.32 -5.05
N ASN A 13 -3.11 -0.01 -6.31
CA ASN A 13 -4.03 0.78 -7.13
C ASN A 13 -4.64 -0.06 -8.25
N ALA A 14 -4.46 -1.38 -8.14
CA ALA A 14 -4.98 -2.30 -9.14
C ALA A 14 -6.12 -3.15 -8.57
N GLU A 15 -5.77 -4.09 -7.71
CA GLU A 15 -6.76 -4.97 -7.10
C GLU A 15 -6.72 -4.85 -5.57
N PHE A 16 -5.62 -4.31 -5.06
CA PHE A 16 -5.45 -4.14 -3.61
C PHE A 16 -5.91 -2.76 -3.18
N GLN A 17 -6.70 -2.11 -4.03
CA GLN A 17 -7.20 -0.77 -3.73
C GLN A 17 -8.17 -0.81 -2.55
N ASN A 18 -8.93 -1.89 -2.46
CA ASN A 18 -9.91 -2.05 -1.38
C ASN A 18 -9.31 -2.82 -0.21
N PHE A 19 -7.98 -2.79 -0.10
CA PHE A 19 -7.28 -3.48 0.97
C PHE A 19 -7.07 -2.56 2.16
N CYS A 20 -6.38 -1.45 1.94
CA CYS A 20 -6.11 -0.49 3.00
C CYS A 20 -7.35 0.32 3.33
N ILE A 21 -7.70 0.37 4.60
CA ILE A 21 -8.87 1.12 5.06
C ILE A 21 -8.50 2.54 5.47
N HIS A 22 -7.75 2.65 6.57
CA HIS A 22 -7.33 3.94 7.08
C HIS A 22 -5.81 4.06 7.07
N GLY A 23 -5.24 4.32 5.89
CA GLY A 23 -3.80 4.44 5.76
C GLY A 23 -3.36 4.47 4.32
N GLU A 24 -2.08 4.79 4.11
CA GLU A 24 -1.52 4.85 2.76
C GLU A 24 -0.99 3.49 2.33
N CYS A 25 -1.18 3.16 1.05
CA CYS A 25 -0.73 1.89 0.51
C CYS A 25 0.61 2.05 -0.19
N LYS A 26 1.56 1.16 0.13
CA LYS A 26 2.88 1.20 -0.47
C LYS A 26 3.40 -0.21 -0.74
N TYR A 27 3.43 -0.59 -2.01
CA TYR A 27 3.91 -1.92 -2.39
C TYR A 27 5.42 -2.04 -2.21
N ILE A 28 5.85 -3.19 -1.72
CA ILE A 28 7.27 -3.44 -1.50
C ILE A 28 7.85 -4.34 -2.58
N GLU A 29 8.98 -3.92 -3.15
CA GLU A 29 9.63 -4.70 -4.20
C GLU A 29 10.61 -5.71 -3.60
N HIS A 30 11.58 -5.21 -2.85
CA HIS A 30 12.57 -6.08 -2.22
C HIS A 30 11.91 -7.30 -1.59
N LEU A 31 10.62 -7.18 -1.28
CA LEU A 31 9.87 -8.27 -0.68
C LEU A 31 8.71 -8.69 -1.57
N GLU A 32 8.38 -7.84 -2.53
CA GLU A 32 7.29 -8.13 -3.46
C GLU A 32 6.00 -8.45 -2.70
N ALA A 33 5.74 -7.67 -1.65
CA ALA A 33 4.53 -7.87 -0.83
C ALA A 33 3.77 -6.56 -0.67
N VAL A 34 2.47 -6.66 -0.44
CA VAL A 34 1.62 -5.50 -0.27
C VAL A 34 1.53 -5.10 1.20
N THR A 35 1.49 -3.79 1.46
CA THR A 35 1.41 -3.28 2.82
C THR A 35 0.72 -1.92 2.86
N CYS A 36 0.11 -1.60 3.99
CA CYS A 36 -0.59 -0.33 4.15
C CYS A 36 -0.10 0.40 5.41
N LYS A 37 0.54 1.54 5.21
CA LYS A 37 1.04 2.34 6.32
C LYS A 37 -0.10 2.88 7.18
N CYS A 38 -0.25 2.30 8.37
CA CYS A 38 -1.31 2.72 9.28
C CYS A 38 -0.84 3.88 10.16
N GLN A 39 -1.59 4.97 10.14
CA GLN A 39 -1.25 6.15 10.94
C GLN A 39 -0.92 5.75 12.37
N GLN A 40 -0.07 6.54 13.01
CA GLN A 40 0.33 6.28 14.39
C GLN A 40 -0.85 5.75 15.21
N GLU A 41 -2.03 6.32 14.97
CA GLU A 41 -3.23 5.92 15.68
C GLU A 41 -3.71 4.56 15.20
N TYR A 42 -3.65 4.35 13.90
CA TYR A 42 -4.09 3.08 13.29
C TYR A 42 -2.95 2.06 13.30
N PHE A 43 -3.32 0.78 13.23
CA PHE A 43 -2.33 -0.29 13.23
C PHE A 43 -3.00 -1.64 12.98
N GLY A 44 -2.30 -2.53 12.28
CA GLY A 44 -2.84 -3.84 11.99
C GLY A 44 -2.61 -4.25 10.54
N GLU A 45 -3.57 -4.96 9.97
CA GLU A 45 -3.46 -5.42 8.59
C GLU A 45 -3.95 -4.35 7.62
N ARG A 46 -5.24 -4.05 7.69
CA ARG A 46 -5.83 -3.04 6.80
C ARG A 46 -6.02 -1.72 7.54
N CYS A 47 -5.14 -1.45 8.51
CA CYS A 47 -5.21 -0.22 9.29
C CYS A 47 -6.66 0.12 9.64
N GLY A 48 -7.47 -0.92 9.84
CA GLY A 48 -8.87 -0.70 10.18
C GLY A 48 -9.07 -0.32 11.63
N GLU A 49 -8.31 -0.97 12.51
CA GLU A 49 -8.41 -0.70 13.95
C GLU A 49 -7.31 0.26 14.39
N LYS A 50 -7.63 1.08 15.39
CA LYS A 50 -6.67 2.05 15.91
C LYS A 50 -6.62 2.00 17.44
N GLY A 1 19.09 4.31 -1.61
CA GLY A 1 17.95 5.13 -1.96
C GLY A 1 17.30 4.71 -3.27
N SER A 2 16.06 5.13 -3.47
CA SER A 2 15.33 4.78 -4.68
C SER A 2 15.24 5.98 -5.61
N SER A 3 15.08 5.71 -6.91
CA SER A 3 14.98 6.77 -7.91
C SER A 3 14.08 6.34 -9.06
N GLY A 4 13.30 7.28 -9.58
CA GLY A 4 12.41 6.98 -10.69
C GLY A 4 11.09 6.42 -10.23
N SER A 5 10.11 7.30 -10.03
CA SER A 5 8.78 6.88 -9.58
C SER A 5 7.85 6.65 -10.76
N SER A 6 7.82 7.60 -11.69
CA SER A 6 6.97 7.51 -12.87
C SER A 6 7.37 6.30 -13.72
N GLY A 7 6.42 5.39 -13.92
CA GLY A 7 6.69 4.21 -14.72
C GLY A 7 6.60 2.93 -13.90
N LYS A 8 5.59 2.86 -13.04
CA LYS A 8 5.39 1.68 -12.19
C LYS A 8 3.91 1.48 -11.88
N LYS A 9 3.47 0.23 -11.91
CA LYS A 9 2.08 -0.11 -11.63
C LYS A 9 1.97 -0.93 -10.36
N ASN A 10 1.73 -0.26 -9.24
CA ASN A 10 1.60 -0.93 -7.95
C ASN A 10 0.19 -1.48 -7.77
N PRO A 11 0.09 -2.65 -7.11
CA PRO A 11 -1.19 -3.31 -6.86
C PRO A 11 -2.04 -2.55 -5.84
N CYS A 12 -1.40 -1.68 -5.08
CA CYS A 12 -2.08 -0.89 -4.06
C CYS A 12 -3.36 -0.27 -4.63
N ASN A 13 -3.32 0.08 -5.91
CA ASN A 13 -4.47 0.68 -6.58
C ASN A 13 -5.12 -0.31 -7.55
N ALA A 14 -4.51 -1.48 -7.67
CA ALA A 14 -5.03 -2.52 -8.57
C ALA A 14 -6.16 -3.30 -7.92
N GLU A 15 -5.81 -4.15 -6.96
CA GLU A 15 -6.79 -4.96 -6.26
C GLU A 15 -6.80 -4.64 -4.76
N PHE A 16 -5.66 -4.20 -4.26
CA PHE A 16 -5.53 -3.86 -2.85
C PHE A 16 -5.99 -2.44 -2.58
N GLN A 17 -6.76 -1.90 -3.52
CA GLN A 17 -7.28 -0.53 -3.39
C GLN A 17 -8.20 -0.41 -2.18
N ASN A 18 -9.04 -1.42 -1.98
CA ASN A 18 -9.98 -1.43 -0.86
C ASN A 18 -9.31 -1.95 0.41
N PHE A 19 -8.31 -2.81 0.23
CA PHE A 19 -7.58 -3.38 1.36
C PHE A 19 -7.24 -2.30 2.38
N CYS A 20 -6.41 -1.36 1.98
CA CYS A 20 -5.99 -0.27 2.86
C CYS A 20 -7.13 0.71 3.09
N ILE A 21 -7.96 0.41 4.09
CA ILE A 21 -9.09 1.27 4.43
C ILE A 21 -8.62 2.68 4.80
N HIS A 22 -7.85 2.77 5.87
CA HIS A 22 -7.33 4.05 6.34
C HIS A 22 -5.83 3.99 6.57
N GLY A 23 -5.06 4.37 5.56
CA GLY A 23 -3.62 4.35 5.68
C GLY A 23 -2.92 4.41 4.33
N GLU A 24 -1.62 4.69 4.34
CA GLU A 24 -0.85 4.78 3.11
C GLU A 24 -0.36 3.41 2.67
N CYS A 25 -0.53 3.10 1.39
CA CYS A 25 -0.11 1.82 0.83
C CYS A 25 1.24 1.94 0.14
N LYS A 26 2.08 0.93 0.30
CA LYS A 26 3.40 0.92 -0.31
C LYS A 26 3.81 -0.50 -0.69
N TYR A 27 3.83 -0.78 -1.98
CA TYR A 27 4.21 -2.11 -2.47
C TYR A 27 5.72 -2.22 -2.61
N ILE A 28 6.29 -3.23 -1.95
CA ILE A 28 7.73 -3.45 -1.99
C ILE A 28 8.10 -4.42 -3.11
N GLU A 29 9.11 -4.05 -3.88
CA GLU A 29 9.57 -4.88 -4.99
C GLU A 29 10.61 -5.89 -4.51
N HIS A 30 11.75 -5.38 -4.04
CA HIS A 30 12.83 -6.23 -3.56
C HIS A 30 12.27 -7.39 -2.73
N LEU A 31 11.08 -7.19 -2.18
CA LEU A 31 10.44 -8.22 -1.35
C LEU A 31 9.28 -8.87 -2.10
N GLU A 32 8.73 -8.15 -3.07
CA GLU A 32 7.62 -8.65 -3.86
C GLU A 32 6.39 -8.90 -2.98
N ALA A 33 6.10 -7.95 -2.10
CA ALA A 33 4.96 -8.07 -1.21
C ALA A 33 4.28 -6.72 -1.00
N VAL A 34 2.97 -6.74 -0.79
CA VAL A 34 2.20 -5.52 -0.59
C VAL A 34 1.77 -5.38 0.87
N THR A 35 1.65 -4.14 1.32
CA THR A 35 1.25 -3.86 2.70
C THR A 35 0.67 -2.45 2.83
N CYS A 36 -0.11 -2.24 3.89
CA CYS A 36 -0.72 -0.93 4.13
C CYS A 36 -0.29 -0.39 5.49
N LYS A 37 0.28 0.81 5.48
CA LYS A 37 0.73 1.46 6.71
C LYS A 37 -0.44 2.08 7.46
N CYS A 38 -0.42 1.98 8.79
CA CYS A 38 -1.48 2.54 9.62
C CYS A 38 -0.97 3.74 10.40
N GLN A 39 -1.69 4.86 10.30
CA GLN A 39 -1.31 6.07 11.01
C GLN A 39 -1.16 5.81 12.51
N GLN A 40 -0.90 6.87 13.27
CA GLN A 40 -0.74 6.75 14.72
C GLN A 40 -2.03 6.28 15.37
N GLU A 41 -3.16 6.79 14.88
CA GLU A 41 -4.46 6.41 15.42
C GLU A 41 -4.86 5.02 14.97
N TYR A 42 -4.45 4.65 13.77
CA TYR A 42 -4.76 3.32 13.22
C TYR A 42 -3.62 2.35 13.48
N PHE A 43 -3.89 1.06 13.27
CA PHE A 43 -2.89 0.02 13.48
C PHE A 43 -3.31 -1.28 12.80
N GLY A 44 -2.35 -2.19 12.64
CA GLY A 44 -2.64 -3.46 12.01
C GLY A 44 -2.07 -3.56 10.61
N GLU A 45 -2.67 -4.40 9.78
CA GLU A 45 -2.22 -4.59 8.41
C GLU A 45 -3.06 -3.76 7.44
N ARG A 46 -4.38 -3.87 7.58
CA ARG A 46 -5.29 -3.14 6.71
C ARG A 46 -5.36 -1.66 7.11
N CYS A 47 -5.36 -1.41 8.42
CA CYS A 47 -5.42 -0.05 8.93
C CYS A 47 -6.82 0.54 8.77
N GLY A 48 -7.84 -0.28 9.07
CA GLY A 48 -9.20 0.18 8.94
C GLY A 48 -9.93 0.20 10.27
N GLU A 49 -9.21 0.59 11.33
CA GLU A 49 -9.80 0.65 12.66
C GLU A 49 -8.94 1.51 13.58
N LYS A 50 -9.43 1.72 14.80
CA LYS A 50 -8.72 2.53 15.78
C LYS A 50 -9.23 2.26 17.20
N GLY A 1 5.37 10.33 1.66
CA GLY A 1 4.68 11.34 0.88
C GLY A 1 3.67 10.75 -0.09
N SER A 2 4.11 10.49 -1.31
CA SER A 2 3.23 9.92 -2.33
C SER A 2 4.04 9.17 -3.39
N SER A 3 3.47 8.08 -3.89
CA SER A 3 4.14 7.27 -4.91
C SER A 3 4.29 8.05 -6.21
N GLY A 4 5.39 7.79 -6.91
CA GLY A 4 5.65 8.48 -8.16
C GLY A 4 5.43 7.58 -9.37
N SER A 5 6.23 7.79 -10.40
CA SER A 5 6.12 6.99 -11.62
C SER A 5 7.44 6.33 -11.97
N SER A 6 7.47 5.00 -11.90
CA SER A 6 8.68 4.24 -12.20
C SER A 6 8.40 2.75 -12.18
N GLY A 7 8.53 2.11 -13.34
CA GLY A 7 8.28 0.68 -13.44
C GLY A 7 6.81 0.35 -13.58
N LYS A 8 6.47 -0.93 -13.48
CA LYS A 8 5.09 -1.38 -13.61
C LYS A 8 4.24 -0.81 -12.48
N LYS A 9 2.94 -0.64 -12.75
CA LYS A 9 2.01 -0.11 -11.76
C LYS A 9 2.15 -0.86 -10.43
N ASN A 10 1.40 -0.42 -9.44
CA ASN A 10 1.42 -1.05 -8.12
C ASN A 10 0.07 -1.63 -7.76
N PRO A 11 0.07 -2.75 -7.03
CA PRO A 11 -1.15 -3.44 -6.61
C PRO A 11 -1.93 -2.64 -5.56
N CYS A 12 -1.21 -1.80 -4.82
CA CYS A 12 -1.84 -0.98 -3.78
C CYS A 12 -3.10 -0.31 -4.31
N ASN A 13 -3.18 -0.15 -5.62
CA ASN A 13 -4.34 0.47 -6.26
C ASN A 13 -4.98 -0.46 -7.26
N ALA A 14 -4.21 -1.44 -7.74
CA ALA A 14 -4.71 -2.41 -8.71
C ALA A 14 -5.81 -3.28 -8.11
N GLU A 15 -5.41 -4.16 -7.19
CA GLU A 15 -6.37 -5.06 -6.55
C GLU A 15 -6.44 -4.78 -5.04
N PHE A 16 -5.35 -4.23 -4.50
CA PHE A 16 -5.29 -3.92 -3.08
C PHE A 16 -5.91 -2.56 -2.80
N GLN A 17 -6.60 -1.99 -3.79
CA GLN A 17 -7.23 -0.69 -3.64
C GLN A 17 -8.10 -0.65 -2.38
N ASN A 18 -8.72 -1.79 -2.06
CA ASN A 18 -9.57 -1.87 -0.88
C ASN A 18 -8.77 -2.28 0.35
N PHE A 19 -7.72 -3.07 0.12
CA PHE A 19 -6.87 -3.53 1.22
C PHE A 19 -6.67 -2.44 2.26
N CYS A 20 -5.92 -1.40 1.89
CA CYS A 20 -5.66 -0.29 2.80
C CYS A 20 -6.91 0.57 2.99
N ILE A 21 -7.65 0.28 4.07
CA ILE A 21 -8.87 1.02 4.37
C ILE A 21 -8.55 2.44 4.84
N HIS A 22 -7.86 2.54 5.97
CA HIS A 22 -7.48 3.84 6.52
C HIS A 22 -5.98 3.93 6.73
N GLY A 23 -5.28 4.45 5.73
CA GLY A 23 -3.83 4.58 5.82
C GLY A 23 -3.17 4.64 4.45
N GLU A 24 -1.84 4.77 4.45
CA GLU A 24 -1.09 4.84 3.20
C GLU A 24 -0.67 3.45 2.75
N CYS A 25 -0.46 3.30 1.45
CA CYS A 25 -0.05 2.02 0.87
C CYS A 25 1.27 2.15 0.12
N LYS A 26 2.19 1.22 0.39
CA LYS A 26 3.49 1.23 -0.25
C LYS A 26 3.88 -0.16 -0.73
N TYR A 27 3.77 -0.38 -2.04
CA TYR A 27 4.10 -1.67 -2.63
C TYR A 27 5.61 -1.91 -2.60
N ILE A 28 6.00 -3.14 -2.27
CA ILE A 28 7.41 -3.50 -2.21
C ILE A 28 7.74 -4.60 -3.22
N GLU A 29 8.60 -4.27 -4.18
CA GLU A 29 9.00 -5.22 -5.20
C GLU A 29 10.09 -6.15 -4.68
N HIS A 30 11.08 -5.59 -4.00
CA HIS A 30 12.17 -6.37 -3.44
C HIS A 30 11.65 -7.46 -2.52
N LEU A 31 10.39 -7.33 -2.11
CA LEU A 31 9.78 -8.31 -1.23
C LEU A 31 8.58 -8.98 -1.91
N GLU A 32 8.09 -8.36 -2.97
CA GLU A 32 6.95 -8.90 -3.70
C GLU A 32 5.72 -9.01 -2.81
N ALA A 33 5.59 -8.08 -1.87
CA ALA A 33 4.46 -8.07 -0.95
C ALA A 33 3.83 -6.69 -0.86
N VAL A 34 2.62 -6.64 -0.31
CA VAL A 34 1.91 -5.37 -0.15
C VAL A 34 1.73 -5.01 1.31
N THR A 35 1.81 -3.72 1.62
CA THR A 35 1.65 -3.24 2.99
C THR A 35 1.01 -1.87 3.02
N CYS A 36 0.26 -1.59 4.09
CA CYS A 36 -0.41 -0.30 4.23
C CYS A 36 -0.01 0.37 5.55
N LYS A 37 0.65 1.51 5.45
CA LYS A 37 1.09 2.25 6.62
C LYS A 37 -0.09 2.83 7.38
N CYS A 38 -0.34 2.30 8.57
CA CYS A 38 -1.45 2.76 9.40
C CYS A 38 -1.03 3.94 10.26
N GLN A 39 -1.85 4.99 10.26
CA GLN A 39 -1.57 6.18 11.06
C GLN A 39 -1.31 5.82 12.52
N GLN A 40 -1.08 6.84 13.34
CA GLN A 40 -0.83 6.64 14.76
C GLN A 40 -2.04 6.01 15.44
N GLU A 41 -3.23 6.42 15.01
CA GLU A 41 -4.47 5.89 15.58
C GLU A 41 -4.77 4.50 15.04
N TYR A 42 -4.54 4.30 13.75
CA TYR A 42 -4.79 3.02 13.11
C TYR A 42 -3.58 2.10 13.23
N PHE A 43 -3.80 0.81 13.04
CA PHE A 43 -2.72 -0.18 13.12
C PHE A 43 -3.08 -1.43 12.35
N GLY A 44 -2.11 -2.34 12.23
CA GLY A 44 -2.34 -3.58 11.51
C GLY A 44 -1.83 -3.52 10.08
N GLU A 45 -2.36 -4.40 9.24
CA GLU A 45 -1.96 -4.45 7.84
C GLU A 45 -2.93 -3.65 6.97
N ARG A 46 -4.20 -3.73 7.29
CA ARG A 46 -5.23 -3.02 6.54
C ARG A 46 -5.52 -1.66 7.17
N CYS A 47 -5.41 -1.59 8.49
CA CYS A 47 -5.66 -0.35 9.21
C CYS A 47 -7.14 0.01 9.18
N GLY A 48 -7.99 -0.97 9.47
CA GLY A 48 -9.43 -0.73 9.48
C GLY A 48 -9.95 -0.38 10.85
N GLU A 49 -9.14 -0.60 11.88
CA GLU A 49 -9.53 -0.31 13.24
C GLU A 49 -8.59 0.73 13.86
N LYS A 50 -9.16 1.60 14.69
CA LYS A 50 -8.37 2.65 15.35
C LYS A 50 -8.72 2.72 16.83
N GLY A 1 9.65 21.99 -9.02
CA GLY A 1 10.82 21.15 -9.04
C GLY A 1 10.52 19.74 -8.55
N SER A 2 9.46 19.14 -9.07
CA SER A 2 9.07 17.79 -8.69
C SER A 2 9.21 16.83 -9.85
N SER A 3 10.39 16.21 -9.95
CA SER A 3 10.66 15.25 -11.03
C SER A 3 10.43 13.83 -10.55
N GLY A 4 9.27 13.27 -10.89
CA GLY A 4 8.94 11.91 -10.49
C GLY A 4 7.75 11.36 -11.25
N SER A 5 8.02 10.78 -12.42
CA SER A 5 6.96 10.21 -13.24
C SER A 5 6.78 8.72 -12.94
N SER A 6 5.53 8.28 -12.91
CA SER A 6 5.22 6.88 -12.63
C SER A 6 4.58 6.21 -13.84
N GLY A 7 5.26 5.21 -14.38
CA GLY A 7 4.74 4.50 -15.54
C GLY A 7 4.66 3.00 -15.31
N LYS A 8 4.25 2.61 -14.12
CA LYS A 8 4.13 1.19 -13.77
C LYS A 8 2.75 0.89 -13.21
N LYS A 9 2.44 -0.39 -13.06
CA LYS A 9 1.15 -0.82 -12.52
C LYS A 9 1.32 -1.43 -11.13
N ASN A 10 0.89 -0.70 -10.11
CA ASN A 10 0.98 -1.17 -8.74
C ASN A 10 -0.33 -1.79 -8.28
N PRO A 11 -0.24 -2.80 -7.40
CA PRO A 11 -1.41 -3.49 -6.86
C PRO A 11 -2.22 -2.61 -5.91
N CYS A 12 -1.52 -1.75 -5.17
CA CYS A 12 -2.17 -0.85 -4.22
C CYS A 12 -3.26 -0.03 -4.90
N ASN A 13 -3.09 0.20 -6.20
CA ASN A 13 -4.07 0.97 -6.97
C ASN A 13 -4.72 0.10 -8.04
N ALA A 14 -4.52 -1.21 -7.93
CA ALA A 14 -5.09 -2.15 -8.89
C ALA A 14 -6.19 -3.00 -8.24
N GLU A 15 -5.78 -3.86 -7.31
CA GLU A 15 -6.73 -4.73 -6.61
C GLU A 15 -6.66 -4.50 -5.10
N PHE A 16 -5.52 -4.01 -4.64
CA PHE A 16 -5.32 -3.75 -3.21
C PHE A 16 -5.78 -2.35 -2.85
N GLN A 17 -6.59 -1.75 -3.72
CA GLN A 17 -7.10 -0.40 -3.49
C GLN A 17 -7.92 -0.34 -2.21
N ASN A 18 -8.71 -1.38 -1.98
CA ASN A 18 -9.56 -1.45 -0.78
C ASN A 18 -8.80 -2.07 0.38
N PHE A 19 -7.85 -2.94 0.06
CA PHE A 19 -7.04 -3.60 1.10
C PHE A 19 -6.75 -2.66 2.25
N CYS A 20 -6.09 -1.54 1.95
CA CYS A 20 -5.74 -0.55 2.96
C CYS A 20 -6.95 0.33 3.29
N ILE A 21 -7.77 -0.13 4.22
CA ILE A 21 -8.95 0.61 4.64
C ILE A 21 -8.59 2.05 4.98
N HIS A 22 -7.81 2.23 6.04
CA HIS A 22 -7.40 3.56 6.47
C HIS A 22 -5.89 3.63 6.66
N GLY A 23 -5.19 4.18 5.67
CA GLY A 23 -3.75 4.28 5.75
C GLY A 23 -3.10 4.40 4.38
N GLU A 24 -1.79 4.63 4.38
CA GLU A 24 -1.05 4.77 3.12
C GLU A 24 -0.64 3.40 2.58
N CYS A 25 -0.80 3.22 1.28
CA CYS A 25 -0.45 1.96 0.63
C CYS A 25 0.91 2.06 -0.05
N LYS A 26 1.75 1.05 0.18
CA LYS A 26 3.09 1.02 -0.41
C LYS A 26 3.48 -0.39 -0.82
N TYR A 27 3.55 -0.63 -2.11
CA TYR A 27 3.91 -1.95 -2.64
C TYR A 27 5.40 -2.21 -2.47
N ILE A 28 5.74 -3.41 -2.01
CA ILE A 28 7.13 -3.79 -1.81
C ILE A 28 7.63 -4.67 -2.96
N GLU A 29 8.68 -4.21 -3.64
CA GLU A 29 9.25 -4.95 -4.76
C GLU A 29 10.30 -5.93 -4.27
N HIS A 30 11.38 -5.40 -3.70
CA HIS A 30 12.47 -6.23 -3.18
C HIS A 30 11.91 -7.48 -2.49
N LEU A 31 10.81 -7.31 -1.78
CA LEU A 31 10.19 -8.43 -1.06
C LEU A 31 9.03 -9.00 -1.88
N GLU A 32 8.47 -8.19 -2.77
CA GLU A 32 7.37 -8.62 -3.61
C GLU A 32 6.12 -8.88 -2.76
N ALA A 33 5.85 -7.98 -1.83
CA ALA A 33 4.69 -8.11 -0.95
C ALA A 33 3.94 -6.79 -0.82
N VAL A 34 2.67 -6.87 -0.45
CA VAL A 34 1.85 -5.67 -0.29
C VAL A 34 1.74 -5.28 1.18
N THR A 35 1.76 -3.98 1.44
CA THR A 35 1.65 -3.48 2.81
C THR A 35 0.97 -2.11 2.84
N CYS A 36 0.48 -1.74 4.02
CA CYS A 36 -0.19 -0.45 4.19
C CYS A 36 0.17 0.18 5.53
N LYS A 37 0.74 1.37 5.47
CA LYS A 37 1.14 2.09 6.68
C LYS A 37 -0.09 2.60 7.44
N CYS A 38 -0.23 2.16 8.69
CA CYS A 38 -1.36 2.58 9.52
C CYS A 38 -1.03 3.84 10.29
N GLN A 39 -1.91 4.84 10.19
CA GLN A 39 -1.71 6.11 10.88
C GLN A 39 -1.59 5.90 12.39
N GLN A 40 -0.91 6.81 13.06
CA GLN A 40 -0.74 6.72 14.51
C GLN A 40 -2.01 6.24 15.18
N GLU A 41 -3.15 6.75 14.73
CA GLU A 41 -4.44 6.36 15.28
C GLU A 41 -4.75 4.90 14.99
N TYR A 42 -4.48 4.48 13.75
CA TYR A 42 -4.73 3.11 13.35
C TYR A 42 -3.50 2.24 13.56
N PHE A 43 -3.65 0.93 13.36
CA PHE A 43 -2.55 0.00 13.53
C PHE A 43 -2.88 -1.35 12.86
N GLY A 44 -1.93 -2.28 12.95
CA GLY A 44 -2.13 -3.59 12.36
C GLY A 44 -1.59 -3.67 10.95
N GLU A 45 -2.24 -4.49 10.11
CA GLU A 45 -1.82 -4.66 8.73
C GLU A 45 -2.71 -3.87 7.79
N ARG A 46 -4.02 -4.01 7.97
CA ARG A 46 -4.99 -3.31 7.14
C ARG A 46 -5.09 -1.84 7.53
N CYS A 47 -4.95 -1.57 8.82
CA CYS A 47 -5.02 -0.19 9.33
C CYS A 47 -6.46 0.30 9.35
N GLY A 48 -7.34 -0.46 10.02
CA GLY A 48 -8.74 -0.08 10.10
C GLY A 48 -9.19 0.15 11.53
N GLU A 49 -8.63 -0.61 12.45
CA GLU A 49 -8.98 -0.49 13.86
C GLU A 49 -8.15 0.59 14.54
N LYS A 50 -8.81 1.42 15.34
CA LYS A 50 -8.14 2.51 16.04
C LYS A 50 -8.52 2.51 17.52
N GLY A 1 12.29 11.00 2.81
CA GLY A 1 11.80 12.23 3.39
C GLY A 1 10.53 12.73 2.74
N SER A 2 10.68 13.61 1.75
CA SER A 2 9.53 14.17 1.05
C SER A 2 9.52 13.73 -0.41
N SER A 3 9.83 12.46 -0.64
CA SER A 3 9.87 11.91 -1.99
C SER A 3 9.52 10.42 -1.99
N GLY A 4 9.15 9.90 -3.14
CA GLY A 4 8.80 8.50 -3.25
C GLY A 4 8.49 8.09 -4.67
N SER A 5 9.49 8.14 -5.54
CA SER A 5 9.31 7.78 -6.94
C SER A 5 8.57 6.45 -7.06
N SER A 6 7.90 6.27 -8.20
CA SER A 6 7.14 5.04 -8.44
C SER A 6 7.56 4.40 -9.76
N GLY A 7 7.88 3.11 -9.71
CA GLY A 7 8.30 2.41 -10.91
C GLY A 7 7.12 1.98 -11.77
N LYS A 8 6.82 0.69 -11.79
CA LYS A 8 5.72 0.16 -12.57
C LYS A 8 4.45 0.08 -11.73
N LYS A 9 3.32 -0.18 -12.39
CA LYS A 9 2.04 -0.29 -11.70
C LYS A 9 2.15 -1.21 -10.49
N ASN A 10 1.52 -0.79 -9.39
CA ASN A 10 1.55 -1.58 -8.15
C ASN A 10 0.17 -2.15 -7.85
N PRO A 11 0.14 -3.22 -7.05
CA PRO A 11 -1.12 -3.88 -6.66
C PRO A 11 -1.94 -3.02 -5.70
N CYS A 12 -1.26 -2.15 -4.97
CA CYS A 12 -1.94 -1.28 -4.01
C CYS A 12 -3.09 -0.53 -4.68
N ASN A 13 -2.93 -0.22 -5.96
CA ASN A 13 -3.96 0.49 -6.70
C ASN A 13 -4.57 -0.41 -7.77
N ALA A 14 -4.37 -1.71 -7.63
CA ALA A 14 -4.90 -2.68 -8.58
C ALA A 14 -6.01 -3.52 -7.96
N GLU A 15 -5.63 -4.35 -6.98
CA GLU A 15 -6.59 -5.21 -6.31
C GLU A 15 -6.61 -4.92 -4.81
N PHE A 16 -5.53 -4.33 -4.30
CA PHE A 16 -5.43 -3.99 -2.89
C PHE A 16 -5.83 -2.55 -2.65
N GLN A 17 -6.56 -1.97 -3.60
CA GLN A 17 -7.02 -0.58 -3.48
C GLN A 17 -8.00 -0.43 -2.33
N ASN A 18 -8.87 -1.42 -2.17
CA ASN A 18 -9.87 -1.39 -1.11
C ASN A 18 -9.38 -2.15 0.12
N PHE A 19 -8.06 -2.20 0.29
CA PHE A 19 -7.46 -2.90 1.43
C PHE A 19 -7.15 -1.93 2.57
N CYS A 20 -6.22 -1.02 2.31
CA CYS A 20 -5.83 -0.02 3.31
C CYS A 20 -6.97 0.95 3.58
N ILE A 21 -7.88 0.56 4.48
CA ILE A 21 -9.02 1.40 4.83
C ILE A 21 -8.56 2.80 5.20
N HIS A 22 -7.72 2.90 6.22
CA HIS A 22 -7.20 4.19 6.68
C HIS A 22 -5.68 4.16 6.80
N GLY A 23 -5.00 4.36 5.68
CA GLY A 23 -3.55 4.36 5.68
C GLY A 23 -2.96 4.43 4.28
N GLU A 24 -1.65 4.63 4.21
CA GLU A 24 -0.96 4.71 2.93
C GLU A 24 -0.51 3.34 2.44
N CYS A 25 -0.74 3.06 1.18
CA CYS A 25 -0.34 1.78 0.59
C CYS A 25 0.98 1.89 -0.15
N LYS A 26 1.91 1.00 0.17
CA LYS A 26 3.21 1.00 -0.48
C LYS A 26 3.66 -0.42 -0.81
N TYR A 27 3.61 -0.76 -2.09
CA TYR A 27 4.00 -2.10 -2.54
C TYR A 27 5.52 -2.25 -2.54
N ILE A 28 6.00 -3.27 -1.85
CA ILE A 28 7.44 -3.52 -1.77
C ILE A 28 7.93 -4.30 -2.97
N GLU A 29 9.02 -3.83 -3.59
CA GLU A 29 9.59 -4.48 -4.76
C GLU A 29 10.57 -5.56 -4.35
N HIS A 30 11.56 -5.18 -3.54
CA HIS A 30 12.58 -6.12 -3.08
C HIS A 30 11.93 -7.38 -2.49
N LEU A 31 10.66 -7.26 -2.12
CA LEU A 31 9.93 -8.40 -1.56
C LEU A 31 8.61 -8.62 -2.30
N GLU A 32 8.42 -7.88 -3.39
CA GLU A 32 7.20 -7.99 -4.18
C GLU A 32 6.00 -8.28 -3.29
N ALA A 33 5.95 -7.62 -2.14
CA ALA A 33 4.85 -7.81 -1.20
C ALA A 33 4.14 -6.49 -0.92
N VAL A 34 2.81 -6.52 -0.93
CA VAL A 34 2.00 -5.34 -0.68
C VAL A 34 1.72 -5.17 0.81
N THR A 35 1.70 -3.92 1.26
CA THR A 35 1.44 -3.63 2.66
C THR A 35 0.65 -2.33 2.82
N CYS A 36 0.11 -2.10 4.02
CA CYS A 36 -0.67 -0.91 4.29
C CYS A 36 -0.15 -0.19 5.54
N LYS A 37 0.47 0.97 5.32
CA LYS A 37 1.01 1.75 6.42
C LYS A 37 -0.11 2.36 7.25
N CYS A 38 -0.26 1.87 8.48
CA CYS A 38 -1.29 2.37 9.38
C CYS A 38 -0.78 3.53 10.22
N GLN A 39 -1.48 4.66 10.15
CA GLN A 39 -1.09 5.85 10.89
C GLN A 39 -1.03 5.55 12.39
N GLN A 40 -0.75 6.59 13.18
CA GLN A 40 -0.67 6.45 14.63
C GLN A 40 -2.03 6.13 15.23
N GLU A 41 -3.09 6.65 14.61
CA GLU A 41 -4.44 6.42 15.08
C GLU A 41 -4.88 4.99 14.80
N TYR A 42 -4.58 4.51 13.60
CA TYR A 42 -4.94 3.15 13.22
C TYR A 42 -3.77 2.19 13.43
N PHE A 43 -4.08 0.89 13.43
CA PHE A 43 -3.05 -0.13 13.61
C PHE A 43 -3.44 -1.43 12.93
N GLY A 44 -2.54 -2.41 12.95
CA GLY A 44 -2.81 -3.68 12.31
C GLY A 44 -2.37 -3.72 10.86
N GLU A 45 -3.11 -4.45 10.05
CA GLU A 45 -2.79 -4.57 8.63
C GLU A 45 -3.64 -3.61 7.79
N ARG A 46 -4.95 -3.83 7.81
CA ARG A 46 -5.88 -2.99 7.05
C ARG A 46 -5.86 -1.56 7.57
N CYS A 47 -5.65 -1.40 8.87
CA CYS A 47 -5.61 -0.09 9.49
C CYS A 47 -7.00 0.54 9.55
N GLY A 48 -7.99 -0.28 9.88
CA GLY A 48 -9.36 0.20 9.97
C GLY A 48 -9.80 0.46 11.39
N GLU A 49 -9.08 -0.15 12.34
CA GLU A 49 -9.40 0.01 13.75
C GLU A 49 -8.57 1.13 14.37
N LYS A 50 -9.06 1.69 15.48
CA LYS A 50 -8.37 2.77 16.17
C LYS A 50 -9.09 3.14 17.47
N GLY A 1 17.88 4.34 -11.84
CA GLY A 1 18.35 3.63 -13.02
C GLY A 1 17.66 4.07 -14.29
N SER A 2 16.34 4.21 -14.22
CA SER A 2 15.56 4.63 -15.38
C SER A 2 16.02 3.91 -16.64
N SER A 3 16.29 2.61 -16.50
CA SER A 3 16.75 1.80 -17.63
C SER A 3 15.66 0.83 -18.07
N GLY A 4 15.13 1.05 -19.27
CA GLY A 4 14.09 0.18 -19.80
C GLY A 4 12.82 0.24 -18.98
N SER A 5 12.45 1.45 -18.54
CA SER A 5 11.25 1.64 -17.73
C SER A 5 10.06 2.02 -18.62
N SER A 6 9.29 1.02 -19.02
CA SER A 6 8.12 1.25 -19.86
C SER A 6 6.87 0.66 -19.23
N GLY A 7 6.29 1.39 -18.29
CA GLY A 7 5.08 0.92 -17.62
C GLY A 7 5.29 0.71 -16.13
N LYS A 8 4.78 1.64 -15.33
CA LYS A 8 4.90 1.57 -13.88
C LYS A 8 3.53 1.57 -13.21
N LYS A 9 3.30 0.61 -12.33
CA LYS A 9 2.04 0.51 -11.61
C LYS A 9 2.22 -0.23 -10.29
N ASN A 10 1.33 0.05 -9.34
CA ASN A 10 1.39 -0.61 -8.04
C ASN A 10 0.06 -1.28 -7.70
N PRO A 11 0.13 -2.43 -7.02
CA PRO A 11 -1.06 -3.19 -6.63
C PRO A 11 -1.86 -2.49 -5.53
N CYS A 12 -1.22 -1.54 -4.86
CA CYS A 12 -1.87 -0.80 -3.79
C CYS A 12 -3.23 -0.28 -4.23
N ASN A 13 -3.30 0.16 -5.48
CA ASN A 13 -4.55 0.69 -6.04
C ASN A 13 -5.03 -0.16 -7.20
N ALA A 14 -4.24 -1.18 -7.56
CA ALA A 14 -4.59 -2.06 -8.66
C ALA A 14 -5.66 -3.07 -8.24
N GLU A 15 -5.31 -3.92 -7.28
CA GLU A 15 -6.24 -4.93 -6.79
C GLU A 15 -6.43 -4.82 -5.28
N PHE A 16 -5.36 -4.40 -4.60
CA PHE A 16 -5.39 -4.25 -3.14
C PHE A 16 -5.94 -2.88 -2.75
N GLN A 17 -6.61 -2.23 -3.69
CA GLN A 17 -7.18 -0.91 -3.45
C GLN A 17 -8.15 -0.95 -2.26
N ASN A 18 -8.92 -2.02 -2.18
CA ASN A 18 -9.89 -2.18 -1.10
C ASN A 18 -9.27 -2.93 0.08
N PHE A 19 -7.95 -2.82 0.21
CA PHE A 19 -7.24 -3.49 1.30
C PHE A 19 -6.95 -2.52 2.44
N CYS A 20 -6.08 -1.55 2.17
CA CYS A 20 -5.71 -0.56 3.17
C CYS A 20 -6.86 0.42 3.42
N ILE A 21 -7.84 -0.01 4.21
CA ILE A 21 -8.98 0.84 4.51
C ILE A 21 -8.56 2.28 4.75
N HIS A 22 -7.77 2.50 5.80
CA HIS A 22 -7.29 3.84 6.13
C HIS A 22 -5.80 3.81 6.45
N GLY A 23 -5.00 4.40 5.55
CA GLY A 23 -3.57 4.44 5.75
C GLY A 23 -2.80 4.47 4.44
N GLU A 24 -1.48 4.66 4.53
CA GLU A 24 -0.64 4.72 3.34
C GLU A 24 -0.16 3.32 2.95
N CYS A 25 -0.28 2.99 1.67
CA CYS A 25 0.14 1.69 1.16
C CYS A 25 1.56 1.76 0.60
N LYS A 26 2.32 0.69 0.78
CA LYS A 26 3.68 0.63 0.29
C LYS A 26 3.99 -0.74 -0.30
N TYR A 27 4.07 -0.81 -1.63
CA TYR A 27 4.35 -2.07 -2.31
C TYR A 27 5.84 -2.19 -2.63
N ILE A 28 6.47 -3.23 -2.09
CA ILE A 28 7.89 -3.47 -2.31
C ILE A 28 8.10 -4.40 -3.50
N GLU A 29 9.15 -4.13 -4.28
CA GLU A 29 9.48 -4.94 -5.45
C GLU A 29 10.37 -6.12 -5.06
N HIS A 30 11.53 -5.80 -4.49
CA HIS A 30 12.48 -6.83 -4.06
C HIS A 30 11.77 -7.92 -3.26
N LEU A 31 10.59 -7.59 -2.73
CA LEU A 31 9.83 -8.54 -1.93
C LEU A 31 8.54 -8.93 -2.66
N GLU A 32 8.14 -8.12 -3.63
CA GLU A 32 6.93 -8.39 -4.40
C GLU A 32 5.74 -8.59 -3.47
N ALA A 33 5.63 -7.73 -2.45
CA ALA A 33 4.54 -7.81 -1.49
C ALA A 33 4.00 -6.42 -1.17
N VAL A 34 2.68 -6.33 -1.01
CA VAL A 34 2.03 -5.07 -0.69
C VAL A 34 1.87 -4.89 0.81
N THR A 35 2.03 -3.65 1.27
CA THR A 35 1.91 -3.36 2.69
C THR A 35 0.98 -2.17 2.92
N CYS A 36 0.31 -2.16 4.08
CA CYS A 36 -0.62 -1.09 4.42
C CYS A 36 -0.28 -0.49 5.79
N LYS A 37 0.29 0.71 5.77
CA LYS A 37 0.66 1.39 7.00
C LYS A 37 -0.56 2.03 7.66
N CYS A 38 -0.53 2.11 8.99
CA CYS A 38 -1.64 2.69 9.74
C CYS A 38 -1.19 3.96 10.46
N GLN A 39 -1.97 5.02 10.33
CA GLN A 39 -1.65 6.29 10.98
C GLN A 39 -1.51 6.12 12.49
N GLN A 40 -1.16 7.19 13.17
CA GLN A 40 -0.98 7.16 14.62
C GLN A 40 -2.28 6.77 15.31
N GLU A 41 -3.40 7.15 14.72
CA GLU A 41 -4.71 6.84 15.29
C GLU A 41 -5.09 5.38 15.02
N TYR A 42 -4.81 4.92 13.80
CA TYR A 42 -5.11 3.56 13.41
C TYR A 42 -3.92 2.63 13.68
N PHE A 43 -4.17 1.33 13.61
CA PHE A 43 -3.13 0.33 13.84
C PHE A 43 -3.48 -0.99 13.18
N GLY A 44 -2.52 -1.91 13.18
CA GLY A 44 -2.74 -3.21 12.57
C GLY A 44 -2.22 -3.29 11.15
N GLU A 45 -2.86 -4.12 10.34
CA GLU A 45 -2.45 -4.28 8.94
C GLU A 45 -3.36 -3.49 8.01
N ARG A 46 -4.65 -3.83 8.03
CA ARG A 46 -5.62 -3.14 7.18
C ARG A 46 -5.71 -1.66 7.54
N CYS A 47 -5.55 -1.36 8.82
CA CYS A 47 -5.60 0.02 9.29
C CYS A 47 -7.02 0.58 9.19
N GLY A 48 -8.00 -0.26 9.54
CA GLY A 48 -9.39 0.16 9.49
C GLY A 48 -10.04 0.23 10.86
N GLU A 49 -9.25 0.62 11.86
CA GLU A 49 -9.76 0.72 13.22
C GLU A 49 -8.93 1.72 14.04
N LYS A 50 -9.48 2.16 15.16
CA LYS A 50 -8.80 3.11 16.02
C LYS A 50 -9.55 3.28 17.34
N GLY A 1 19.10 -2.64 -15.83
CA GLY A 1 19.61 -1.95 -14.65
C GLY A 1 18.77 -0.73 -14.29
N SER A 2 19.06 -0.14 -13.14
CA SER A 2 18.33 1.03 -12.68
C SER A 2 19.11 2.32 -12.96
N SER A 3 18.85 2.92 -14.11
CA SER A 3 19.53 4.15 -14.50
C SER A 3 18.54 5.30 -14.64
N GLY A 4 17.40 5.02 -15.27
CA GLY A 4 16.39 6.04 -15.45
C GLY A 4 15.04 5.46 -15.83
N SER A 5 14.06 5.62 -14.93
CA SER A 5 12.72 5.09 -15.16
C SER A 5 11.66 6.03 -14.58
N SER A 6 10.50 6.07 -15.22
CA SER A 6 9.41 6.92 -14.78
C SER A 6 8.14 6.11 -14.56
N GLY A 7 7.23 6.65 -13.75
CA GLY A 7 5.98 5.96 -13.47
C GLY A 7 6.15 4.81 -12.50
N LYS A 8 5.04 4.21 -12.09
CA LYS A 8 5.06 3.09 -11.15
C LYS A 8 3.78 2.27 -11.25
N LYS A 9 3.91 0.97 -10.99
CA LYS A 9 2.76 0.07 -11.04
C LYS A 9 2.75 -0.88 -9.85
N ASN A 10 1.80 -0.67 -8.94
CA ASN A 10 1.68 -1.50 -7.75
C ASN A 10 0.25 -2.00 -7.57
N PRO A 11 0.10 -3.14 -6.89
CA PRO A 11 -1.21 -3.74 -6.62
C PRO A 11 -2.03 -2.93 -5.64
N CYS A 12 -1.36 -2.05 -4.90
CA CYS A 12 -2.04 -1.21 -3.91
C CYS A 12 -3.25 -0.51 -4.52
N ASN A 13 -3.08 0.00 -5.74
CA ASN A 13 -4.16 0.70 -6.44
C ASN A 13 -4.76 -0.19 -7.52
N ALA A 14 -4.43 -1.48 -7.48
CA ALA A 14 -4.93 -2.44 -8.46
C ALA A 14 -6.04 -3.30 -7.85
N GLU A 15 -5.67 -4.09 -6.85
CA GLU A 15 -6.63 -4.97 -6.19
C GLU A 15 -6.66 -4.72 -4.68
N PHE A 16 -5.54 -4.22 -4.15
CA PHE A 16 -5.43 -3.93 -2.73
C PHE A 16 -5.88 -2.51 -2.43
N GLN A 17 -6.62 -1.90 -3.36
CA GLN A 17 -7.10 -0.55 -3.20
C GLN A 17 -8.04 -0.44 -1.99
N ASN A 18 -8.99 -1.37 -1.91
CA ASN A 18 -9.94 -1.38 -0.81
C ASN A 18 -9.31 -1.92 0.46
N PHE A 19 -8.34 -2.82 0.30
CA PHE A 19 -7.65 -3.42 1.43
C PHE A 19 -7.32 -2.36 2.49
N CYS A 20 -6.52 -1.37 2.11
CA CYS A 20 -6.14 -0.30 3.01
C CYS A 20 -7.29 0.69 3.21
N ILE A 21 -7.98 0.56 4.33
CA ILE A 21 -9.10 1.44 4.65
C ILE A 21 -8.62 2.83 5.02
N HIS A 22 -7.76 2.90 6.03
CA HIS A 22 -7.21 4.18 6.50
C HIS A 22 -5.70 4.09 6.67
N GLY A 23 -4.96 4.32 5.58
CA GLY A 23 -3.51 4.26 5.64
C GLY A 23 -2.88 4.34 4.26
N GLU A 24 -1.57 4.58 4.24
CA GLU A 24 -0.85 4.69 2.98
C GLU A 24 -0.34 3.32 2.53
N CYS A 25 -0.59 3.00 1.26
CA CYS A 25 -0.15 1.72 0.70
C CYS A 25 1.15 1.88 -0.07
N LYS A 26 2.04 0.90 0.08
CA LYS A 26 3.33 0.92 -0.61
C LYS A 26 3.79 -0.49 -0.95
N TYR A 27 3.91 -0.78 -2.24
CA TYR A 27 4.34 -2.10 -2.69
C TYR A 27 5.86 -2.15 -2.83
N ILE A 28 6.47 -3.17 -2.25
CA ILE A 28 7.91 -3.35 -2.31
C ILE A 28 8.30 -4.34 -3.40
N GLU A 29 9.40 -4.04 -4.09
CA GLU A 29 9.89 -4.90 -5.17
C GLU A 29 10.80 -5.99 -4.61
N HIS A 30 11.92 -5.57 -4.01
CA HIS A 30 12.89 -6.50 -3.44
C HIS A 30 12.18 -7.60 -2.65
N LEU A 31 10.96 -7.31 -2.21
CA LEU A 31 10.17 -8.26 -1.44
C LEU A 31 8.92 -8.69 -2.20
N GLU A 32 8.55 -7.89 -3.20
CA GLU A 32 7.36 -8.19 -4.01
C GLU A 32 6.14 -8.43 -3.13
N ALA A 33 6.02 -7.62 -2.07
CA ALA A 33 4.90 -7.73 -1.15
C ALA A 33 4.20 -6.39 -0.97
N VAL A 34 2.91 -6.44 -0.63
CA VAL A 34 2.12 -5.22 -0.43
C VAL A 34 1.66 -5.10 1.01
N THR A 35 1.61 -3.88 1.51
CA THR A 35 1.17 -3.62 2.89
C THR A 35 0.47 -2.28 3.00
N CYS A 36 -0.19 -2.06 4.14
CA CYS A 36 -0.92 -0.82 4.37
C CYS A 36 -0.42 -0.13 5.63
N LYS A 37 0.31 0.97 5.45
CA LYS A 37 0.85 1.73 6.57
C LYS A 37 -0.28 2.35 7.40
N CYS A 38 -0.43 1.90 8.63
CA CYS A 38 -1.47 2.41 9.52
C CYS A 38 -0.96 3.63 10.29
N GLN A 39 -1.74 4.71 10.24
CA GLN A 39 -1.37 5.95 10.94
C GLN A 39 -1.24 5.71 12.44
N GLN A 40 -0.83 6.74 13.17
CA GLN A 40 -0.66 6.64 14.61
C GLN A 40 -1.95 6.17 15.27
N GLU A 41 -3.08 6.68 14.79
CA GLU A 41 -4.38 6.31 15.34
C GLU A 41 -4.78 4.90 14.89
N TYR A 42 -4.54 4.61 13.62
CA TYR A 42 -4.88 3.30 13.07
C TYR A 42 -3.76 2.29 13.32
N PHE A 43 -4.05 1.02 13.08
CA PHE A 43 -3.08 -0.05 13.28
C PHE A 43 -3.58 -1.37 12.70
N GLY A 44 -2.67 -2.32 12.53
CA GLY A 44 -3.03 -3.61 11.98
C GLY A 44 -2.53 -3.79 10.57
N GLU A 45 -3.15 -4.73 9.84
CA GLU A 45 -2.75 -5.01 8.47
C GLU A 45 -3.59 -4.20 7.49
N ARG A 46 -4.82 -3.89 7.88
CA ARG A 46 -5.73 -3.12 7.04
C ARG A 46 -5.79 -1.67 7.50
N CYS A 47 -5.72 -1.46 8.80
CA CYS A 47 -5.76 -0.11 9.37
C CYS A 47 -7.18 0.46 9.32
N GLY A 48 -8.15 -0.37 9.66
CA GLY A 48 -9.54 0.06 9.65
C GLY A 48 -9.98 0.62 10.98
N GLU A 49 -9.44 0.08 12.07
CA GLU A 49 -9.79 0.53 13.41
C GLU A 49 -8.80 1.58 13.91
N LYS A 50 -9.32 2.70 14.40
CA LYS A 50 -8.48 3.78 14.91
C LYS A 50 -8.66 3.94 16.41
N GLY A 1 7.25 0.40 -29.07
CA GLY A 1 7.08 -0.68 -30.03
C GLY A 1 5.72 -1.33 -29.92
N SER A 2 5.37 -1.78 -28.72
CA SER A 2 4.08 -2.43 -28.49
C SER A 2 3.15 -1.53 -27.69
N SER A 3 1.87 -1.58 -28.03
CA SER A 3 0.86 -0.76 -27.36
C SER A 3 0.60 -1.27 -25.94
N GLY A 4 0.39 -0.35 -25.01
CA GLY A 4 0.12 -0.74 -23.63
C GLY A 4 1.16 -0.19 -22.68
N SER A 5 1.36 -0.89 -21.56
CA SER A 5 2.33 -0.47 -20.55
C SER A 5 2.35 1.06 -20.42
N SER A 6 1.16 1.66 -20.41
CA SER A 6 1.04 3.11 -20.30
C SER A 6 0.75 3.51 -18.86
N GLY A 7 1.68 4.26 -18.26
CA GLY A 7 1.51 4.69 -16.89
C GLY A 7 2.18 3.77 -15.89
N LYS A 8 1.55 3.59 -14.75
CA LYS A 8 2.10 2.72 -13.70
C LYS A 8 1.02 1.80 -13.14
N LYS A 9 1.44 0.71 -12.52
CA LYS A 9 0.51 -0.26 -11.93
C LYS A 9 1.03 -0.77 -10.60
N ASN A 10 0.15 -0.82 -9.61
CA ASN A 10 0.52 -1.29 -8.28
C ASN A 10 -0.64 -2.05 -7.63
N PRO A 11 -0.30 -3.08 -6.84
CA PRO A 11 -1.29 -3.91 -6.15
C PRO A 11 -2.00 -3.16 -5.03
N CYS A 12 -1.38 -2.07 -4.58
CA CYS A 12 -1.95 -1.26 -3.51
C CYS A 12 -3.20 -0.51 -4.00
N ASN A 13 -3.29 -0.31 -5.30
CA ASN A 13 -4.43 0.38 -5.89
C ASN A 13 -5.01 -0.41 -7.05
N ALA A 14 -4.36 -1.53 -7.39
CA ALA A 14 -4.81 -2.37 -8.49
C ALA A 14 -5.82 -3.41 -8.00
N GLU A 15 -5.44 -4.16 -6.97
CA GLU A 15 -6.31 -5.19 -6.42
C GLU A 15 -6.60 -4.91 -4.94
N PHE A 16 -5.55 -4.55 -4.20
CA PHE A 16 -5.69 -4.27 -2.78
C PHE A 16 -6.11 -2.82 -2.55
N GLN A 17 -6.66 -2.20 -3.60
CA GLN A 17 -7.11 -0.81 -3.51
C GLN A 17 -8.01 -0.61 -2.30
N ASN A 18 -8.85 -1.61 -2.01
CA ASN A 18 -9.76 -1.53 -0.88
C ASN A 18 -9.07 -1.96 0.41
N PHE A 19 -8.10 -2.86 0.28
CA PHE A 19 -7.36 -3.35 1.44
C PHE A 19 -6.99 -2.21 2.38
N CYS A 20 -6.13 -1.31 1.91
CA CYS A 20 -5.69 -0.17 2.70
C CYS A 20 -6.81 0.87 2.82
N ILE A 21 -7.74 0.62 3.72
CA ILE A 21 -8.86 1.54 3.93
C ILE A 21 -8.37 2.93 4.35
N HIS A 22 -7.69 2.99 5.49
CA HIS A 22 -7.16 4.24 6.00
C HIS A 22 -5.70 4.11 6.40
N GLY A 23 -4.81 4.40 5.45
CA GLY A 23 -3.38 4.30 5.72
C GLY A 23 -2.54 4.37 4.46
N GLU A 24 -1.25 4.60 4.63
CA GLU A 24 -0.34 4.68 3.49
C GLU A 24 0.13 3.30 3.05
N CYS A 25 -0.08 2.99 1.77
CA CYS A 25 0.31 1.70 1.23
C CYS A 25 1.65 1.80 0.50
N LYS A 26 2.54 0.84 0.76
CA LYS A 26 3.85 0.82 0.12
C LYS A 26 4.18 -0.58 -0.39
N TYR A 27 4.03 -0.78 -1.69
CA TYR A 27 4.32 -2.06 -2.31
C TYR A 27 5.81 -2.23 -2.58
N ILE A 28 6.40 -3.29 -2.05
CA ILE A 28 7.83 -3.55 -2.23
C ILE A 28 8.07 -4.35 -3.51
N GLU A 29 9.04 -3.90 -4.30
CA GLU A 29 9.37 -4.58 -5.55
C GLU A 29 10.39 -5.69 -5.31
N HIS A 30 11.54 -5.32 -4.75
CA HIS A 30 12.60 -6.27 -4.47
C HIS A 30 12.04 -7.49 -3.73
N LEU A 31 10.87 -7.33 -3.13
CA LEU A 31 10.24 -8.42 -2.40
C LEU A 31 8.92 -8.82 -3.05
N GLU A 32 8.34 -7.91 -3.82
CA GLU A 32 7.08 -8.17 -4.51
C GLU A 32 5.97 -8.43 -3.50
N ALA A 33 5.94 -7.63 -2.44
CA ALA A 33 4.92 -7.77 -1.40
C ALA A 33 4.23 -6.43 -1.13
N VAL A 34 2.93 -6.50 -0.83
CA VAL A 34 2.15 -5.30 -0.55
C VAL A 34 1.80 -5.21 0.93
N THR A 35 1.75 -3.99 1.44
CA THR A 35 1.42 -3.76 2.84
C THR A 35 0.85 -2.36 3.06
N CYS A 36 -0.04 -2.23 4.03
CA CYS A 36 -0.66 -0.95 4.34
C CYS A 36 -0.31 -0.50 5.76
N LYS A 37 0.32 0.67 5.86
CA LYS A 37 0.72 1.22 7.15
C LYS A 37 -0.45 1.94 7.82
N CYS A 38 -0.56 1.81 9.13
CA CYS A 38 -1.63 2.45 9.88
C CYS A 38 -1.09 3.62 10.70
N GLN A 39 -1.68 4.79 10.49
CA GLN A 39 -1.25 6.00 11.20
C GLN A 39 -1.46 5.84 12.71
N GLN A 40 -0.95 6.80 13.48
CA GLN A 40 -1.08 6.76 14.94
C GLN A 40 -2.52 6.55 15.34
N GLU A 41 -3.45 7.07 14.55
CA GLU A 41 -4.88 6.94 14.84
C GLU A 41 -5.35 5.52 14.57
N TYR A 42 -4.87 4.94 13.48
CA TYR A 42 -5.26 3.58 13.11
C TYR A 42 -4.22 2.57 13.61
N PHE A 43 -4.44 1.30 13.26
CA PHE A 43 -3.53 0.23 13.68
C PHE A 43 -3.87 -1.07 12.97
N GLY A 44 -2.98 -2.05 13.08
CA GLY A 44 -3.20 -3.34 12.44
C GLY A 44 -2.60 -3.40 11.05
N GLU A 45 -3.25 -4.15 10.16
CA GLU A 45 -2.76 -4.30 8.80
C GLU A 45 -3.55 -3.41 7.84
N ARG A 46 -4.85 -3.67 7.72
CA ARG A 46 -5.71 -2.89 6.84
C ARG A 46 -5.75 -1.43 7.27
N CYS A 47 -5.72 -1.19 8.57
CA CYS A 47 -5.76 0.16 9.12
C CYS A 47 -7.14 0.78 8.95
N GLY A 48 -8.18 0.01 9.28
CA GLY A 48 -9.54 0.50 9.16
C GLY A 48 -10.07 1.03 10.48
N GLU A 49 -9.63 0.43 11.58
CA GLU A 49 -10.07 0.85 12.91
C GLU A 49 -9.11 1.87 13.52
N LYS A 50 -9.65 2.81 14.27
CA LYS A 50 -8.85 3.85 14.90
C LYS A 50 -9.15 3.92 16.40
N GLY A 1 16.58 15.19 -24.71
CA GLY A 1 15.59 16.19 -25.07
C GLY A 1 14.40 16.20 -24.12
N SER A 2 13.49 15.26 -24.30
CA SER A 2 12.30 15.16 -23.46
C SER A 2 12.48 14.10 -22.38
N SER A 3 11.82 14.29 -21.25
CA SER A 3 11.90 13.36 -20.13
C SER A 3 10.93 13.75 -19.02
N GLY A 4 9.95 12.89 -18.78
CA GLY A 4 8.97 13.16 -17.74
C GLY A 4 8.24 11.91 -17.30
N SER A 5 6.91 12.01 -17.21
CA SER A 5 6.09 10.88 -16.79
C SER A 5 4.75 10.87 -17.53
N SER A 6 4.28 9.69 -17.88
CA SER A 6 3.01 9.54 -18.59
C SER A 6 2.03 8.72 -17.77
N GLY A 7 2.50 7.59 -17.25
CA GLY A 7 1.64 6.72 -16.46
C GLY A 7 2.43 5.71 -15.65
N LYS A 8 1.81 5.19 -14.59
CA LYS A 8 2.47 4.21 -13.73
C LYS A 8 1.50 3.09 -13.35
N LYS A 9 2.01 2.09 -12.64
CA LYS A 9 1.19 0.96 -12.21
C LYS A 9 1.54 0.55 -10.79
N ASN A 10 0.54 0.07 -10.05
CA ASN A 10 0.75 -0.36 -8.67
C ASN A 10 -0.44 -1.18 -8.18
N PRO A 11 -0.15 -2.25 -7.42
CA PRO A 11 -1.18 -3.13 -6.86
C PRO A 11 -2.00 -2.45 -5.77
N CYS A 12 -1.41 -1.46 -5.12
CA CYS A 12 -2.08 -0.73 -4.05
C CYS A 12 -3.25 0.07 -4.60
N ASN A 13 -3.30 0.23 -5.92
CA ASN A 13 -4.37 0.98 -6.57
C ASN A 13 -4.91 0.21 -7.78
N ALA A 14 -4.58 -1.07 -7.85
CA ALA A 14 -5.04 -1.91 -8.95
C ALA A 14 -5.93 -3.04 -8.44
N GLU A 15 -5.41 -3.83 -7.51
CA GLU A 15 -6.17 -4.94 -6.95
C GLU A 15 -6.26 -4.82 -5.42
N PHE A 16 -5.19 -4.35 -4.81
CA PHE A 16 -5.15 -4.19 -3.36
C PHE A 16 -5.69 -2.82 -2.95
N GLN A 17 -6.41 -2.18 -3.87
CA GLN A 17 -6.99 -0.87 -3.60
C GLN A 17 -7.95 -0.93 -2.43
N ASN A 18 -8.75 -1.99 -2.36
CA ASN A 18 -9.71 -2.16 -1.29
C ASN A 18 -9.08 -2.86 -0.10
N PHE A 19 -7.76 -2.73 0.03
CA PHE A 19 -7.02 -3.35 1.12
C PHE A 19 -6.82 -2.37 2.27
N CYS A 20 -6.00 -1.36 2.03
CA CYS A 20 -5.71 -0.34 3.03
C CYS A 20 -6.92 0.57 3.25
N ILE A 21 -7.71 0.27 4.28
CA ILE A 21 -8.89 1.05 4.60
C ILE A 21 -8.51 2.47 5.00
N HIS A 22 -7.79 2.60 6.11
CA HIS A 22 -7.36 3.90 6.61
C HIS A 22 -5.84 3.94 6.78
N GLY A 23 -5.15 4.42 5.76
CA GLY A 23 -3.70 4.51 5.83
C GLY A 23 -3.07 4.59 4.46
N GLU A 24 -1.75 4.79 4.42
CA GLU A 24 -1.02 4.88 3.17
C GLU A 24 -0.53 3.51 2.71
N CYS A 25 -0.78 3.18 1.45
CA CYS A 25 -0.36 1.90 0.89
C CYS A 25 0.98 2.04 0.16
N LYS A 26 1.81 1.01 0.30
CA LYS A 26 3.12 1.02 -0.35
C LYS A 26 3.49 -0.39 -0.81
N TYR A 27 3.45 -0.60 -2.12
CA TYR A 27 3.79 -1.90 -2.69
C TYR A 27 5.28 -2.17 -2.60
N ILE A 28 5.64 -3.39 -2.19
CA ILE A 28 7.03 -3.77 -2.06
C ILE A 28 7.43 -4.79 -3.14
N GLU A 29 8.32 -4.38 -4.03
CA GLU A 29 8.79 -5.25 -5.11
C GLU A 29 9.97 -6.09 -4.65
N HIS A 30 11.06 -5.42 -4.29
CA HIS A 30 12.27 -6.10 -3.83
C HIS A 30 11.92 -7.20 -2.84
N LEU A 31 10.75 -7.10 -2.22
CA LEU A 31 10.30 -8.09 -1.25
C LEU A 31 9.08 -8.84 -1.75
N GLU A 32 8.46 -8.30 -2.80
CA GLU A 32 7.28 -8.93 -3.38
C GLU A 32 6.20 -9.16 -2.32
N ALA A 33 5.82 -8.09 -1.63
CA ALA A 33 4.81 -8.19 -0.59
C ALA A 33 4.06 -6.87 -0.44
N VAL A 34 2.75 -6.95 -0.26
CA VAL A 34 1.92 -5.76 -0.09
C VAL A 34 1.75 -5.40 1.38
N THR A 35 1.76 -4.11 1.67
CA THR A 35 1.61 -3.63 3.03
C THR A 35 0.88 -2.29 3.08
N CYS A 36 0.39 -1.93 4.26
CA CYS A 36 -0.32 -0.67 4.43
C CYS A 36 0.11 0.04 5.71
N LYS A 37 0.68 1.23 5.56
CA LYS A 37 1.15 2.00 6.71
C LYS A 37 -0.03 2.61 7.46
N CYS A 38 -0.23 2.18 8.69
CA CYS A 38 -1.33 2.68 9.52
C CYS A 38 -0.89 3.91 10.30
N GLN A 39 -1.73 4.94 10.29
CA GLN A 39 -1.43 6.19 11.00
C GLN A 39 -1.25 5.92 12.49
N GLN A 40 -1.01 7.00 13.24
CA GLN A 40 -0.82 6.89 14.68
C GLN A 40 -2.04 6.29 15.36
N GLU A 41 -3.22 6.69 14.88
CA GLU A 41 -4.48 6.19 15.44
C GLU A 41 -4.76 4.77 14.98
N TYR A 42 -4.52 4.51 13.70
CA TYR A 42 -4.74 3.19 13.13
C TYR A 42 -3.55 2.28 13.38
N PHE A 43 -3.79 0.96 13.32
CA PHE A 43 -2.73 -0.01 13.53
C PHE A 43 -3.09 -1.35 12.89
N GLY A 44 -2.11 -2.25 12.80
CA GLY A 44 -2.34 -3.55 12.20
C GLY A 44 -1.88 -3.62 10.76
N GLU A 45 -2.53 -4.47 9.97
CA GLU A 45 -2.18 -4.62 8.56
C GLU A 45 -3.06 -3.74 7.69
N ARG A 46 -4.34 -4.06 7.62
CA ARG A 46 -5.29 -3.30 6.82
C ARG A 46 -5.41 -1.87 7.33
N CYS A 47 -5.39 -1.72 8.65
CA CYS A 47 -5.51 -0.41 9.28
C CYS A 47 -6.93 0.12 9.19
N GLY A 48 -7.90 -0.75 9.46
CA GLY A 48 -9.29 -0.36 9.41
C GLY A 48 -9.92 -0.28 10.78
N GLU A 49 -9.15 0.16 11.77
CA GLU A 49 -9.64 0.27 13.13
C GLU A 49 -8.67 1.07 14.00
N LYS A 50 -9.16 1.54 15.14
CA LYS A 50 -8.33 2.32 16.06
C LYS A 50 -9.07 2.57 17.37
N GLY A 1 11.99 -4.69 -14.97
CA GLY A 1 13.14 -3.88 -14.59
C GLY A 1 12.83 -2.40 -14.59
N SER A 2 13.83 -1.58 -14.88
CA SER A 2 13.66 -0.14 -14.91
C SER A 2 13.86 0.41 -16.33
N SER A 3 13.32 -0.30 -17.32
CA SER A 3 13.44 0.10 -18.70
C SER A 3 12.15 -0.15 -19.47
N GLY A 4 11.54 0.91 -19.97
CA GLY A 4 10.29 0.78 -20.71
C GLY A 4 9.07 0.96 -19.83
N SER A 5 7.89 0.72 -20.39
CA SER A 5 6.65 0.87 -19.65
C SER A 5 6.39 -0.36 -18.78
N SER A 6 6.38 -1.54 -19.39
CA SER A 6 6.15 -2.78 -18.66
C SER A 6 7.32 -3.10 -17.74
N GLY A 7 7.02 -3.73 -16.61
CA GLY A 7 8.07 -4.09 -15.67
C GLY A 7 7.55 -4.24 -14.25
N LYS A 8 7.37 -3.11 -13.56
CA LYS A 8 6.88 -3.13 -12.20
C LYS A 8 5.36 -2.92 -12.17
N LYS A 9 4.74 -3.25 -11.03
CA LYS A 9 3.31 -3.10 -10.87
C LYS A 9 2.97 -2.50 -9.51
N ASN A 10 1.79 -1.90 -9.41
CA ASN A 10 1.34 -1.29 -8.16
C ASN A 10 -0.09 -1.70 -7.83
N PRO A 11 -0.23 -2.90 -7.25
CA PRO A 11 -1.54 -3.44 -6.87
C PRO A 11 -2.16 -2.70 -5.70
N CYS A 12 -1.32 -2.04 -4.91
CA CYS A 12 -1.77 -1.29 -3.75
C CYS A 12 -3.11 -0.62 -4.03
N ASN A 13 -3.31 -0.20 -5.27
CA ASN A 13 -4.55 0.46 -5.67
C ASN A 13 -5.22 -0.31 -6.81
N ALA A 14 -4.50 -1.27 -7.38
CA ALA A 14 -5.04 -2.08 -8.47
C ALA A 14 -5.90 -3.22 -7.94
N GLU A 15 -5.27 -4.14 -7.23
CA GLU A 15 -5.99 -5.29 -6.66
C GLU A 15 -6.26 -5.08 -5.18
N PHE A 16 -5.44 -4.25 -4.54
CA PHE A 16 -5.60 -3.97 -3.11
C PHE A 16 -6.30 -2.63 -2.90
N GLN A 17 -6.96 -2.15 -3.94
CA GLN A 17 -7.66 -0.87 -3.86
C GLN A 17 -8.48 -0.77 -2.58
N ASN A 18 -9.34 -1.76 -2.36
CA ASN A 18 -10.18 -1.78 -1.16
C ASN A 18 -9.50 -2.55 -0.04
N PHE A 19 -8.17 -2.53 -0.03
CA PHE A 19 -7.40 -3.21 1.00
C PHE A 19 -7.11 -2.28 2.18
N CYS A 20 -6.21 -1.33 1.96
CA CYS A 20 -5.85 -0.37 3.00
C CYS A 20 -6.98 0.61 3.26
N ILE A 21 -7.81 0.29 4.25
CA ILE A 21 -8.94 1.15 4.59
C ILE A 21 -8.48 2.55 4.96
N HIS A 22 -7.60 2.64 5.95
CA HIS A 22 -7.08 3.93 6.39
C HIS A 22 -5.56 3.86 6.58
N GLY A 23 -4.83 4.31 5.57
CA GLY A 23 -3.38 4.30 5.64
C GLY A 23 -2.72 4.37 4.28
N GLU A 24 -1.41 4.58 4.26
CA GLU A 24 -0.68 4.66 3.01
C GLU A 24 -0.11 3.31 2.61
N CYS A 25 -0.31 2.93 1.35
CA CYS A 25 0.17 1.65 0.84
C CYS A 25 1.48 1.83 0.09
N LYS A 26 2.45 0.97 0.39
CA LYS A 26 3.76 1.03 -0.26
C LYS A 26 4.17 -0.34 -0.78
N TYR A 27 4.02 -0.55 -2.09
CA TYR A 27 4.38 -1.81 -2.70
C TYR A 27 5.89 -2.01 -2.72
N ILE A 28 6.34 -3.20 -2.32
CA ILE A 28 7.76 -3.51 -2.29
C ILE A 28 8.12 -4.51 -3.39
N GLU A 29 9.10 -4.15 -4.21
CA GLU A 29 9.55 -5.01 -5.30
C GLU A 29 10.51 -6.08 -4.78
N HIS A 30 11.55 -5.65 -4.08
CA HIS A 30 12.54 -6.57 -3.52
C HIS A 30 11.86 -7.63 -2.67
N LEU A 31 10.60 -7.40 -2.31
CA LEU A 31 9.85 -8.35 -1.51
C LEU A 31 8.60 -8.84 -2.24
N GLU A 32 8.22 -8.10 -3.28
CA GLU A 32 7.04 -8.45 -4.07
C GLU A 32 5.82 -8.64 -3.18
N ALA A 33 5.69 -7.77 -2.18
CA ALA A 33 4.57 -7.83 -1.25
C ALA A 33 4.03 -6.44 -0.94
N VAL A 34 2.72 -6.32 -0.79
CA VAL A 34 2.08 -5.05 -0.50
C VAL A 34 1.98 -4.82 1.01
N THR A 35 1.92 -3.56 1.40
CA THR A 35 1.82 -3.20 2.81
C THR A 35 1.07 -1.89 3.00
N CYS A 36 0.34 -1.78 4.11
CA CYS A 36 -0.44 -0.58 4.41
C CYS A 36 -0.02 0.01 5.75
N LYS A 37 0.66 1.15 5.71
CA LYS A 37 1.11 1.82 6.92
C LYS A 37 -0.06 2.46 7.65
N CYS A 38 -0.33 1.98 8.87
CA CYS A 38 -1.42 2.52 9.67
C CYS A 38 -0.96 3.71 10.50
N GLN A 39 -1.65 4.83 10.36
CA GLN A 39 -1.31 6.04 11.09
C GLN A 39 -1.33 5.79 12.59
N GLN A 40 -1.08 6.84 13.36
CA GLN A 40 -1.06 6.74 14.82
C GLN A 40 -2.43 6.35 15.36
N GLU A 41 -3.47 6.85 14.70
CA GLU A 41 -4.85 6.56 15.11
C GLU A 41 -5.20 5.10 14.83
N TYR A 42 -4.83 4.63 13.65
CA TYR A 42 -5.12 3.25 13.26
C TYR A 42 -3.94 2.33 13.59
N PHE A 43 -4.14 1.03 13.46
CA PHE A 43 -3.11 0.05 13.75
C PHE A 43 -3.39 -1.28 13.05
N GLY A 44 -2.45 -2.21 13.15
CA GLY A 44 -2.62 -3.51 12.52
C GLY A 44 -2.08 -3.54 11.11
N GLU A 45 -2.72 -4.32 10.24
CA GLU A 45 -2.28 -4.44 8.86
C GLU A 45 -3.18 -3.62 7.94
N ARG A 46 -4.47 -3.92 7.95
CA ARG A 46 -5.43 -3.21 7.11
C ARG A 46 -5.57 -1.75 7.56
N CYS A 47 -5.47 -1.53 8.87
CA CYS A 47 -5.58 -0.18 9.42
C CYS A 47 -7.01 0.32 9.33
N GLY A 48 -7.97 -0.54 9.64
CA GLY A 48 -9.37 -0.16 9.58
C GLY A 48 -9.88 0.34 10.91
N GLU A 49 -9.30 -0.15 12.00
CA GLU A 49 -9.71 0.24 13.34
C GLU A 49 -8.73 1.24 13.94
N LYS A 50 -9.20 2.04 14.89
CA LYS A 50 -8.35 3.03 15.54
C LYS A 50 -8.70 3.14 17.02
N GLY A 1 10.04 5.25 -7.89
CA GLY A 1 10.62 4.87 -9.15
C GLY A 1 10.72 6.04 -10.12
N SER A 2 11.87 6.18 -10.77
CA SER A 2 12.07 7.26 -11.72
C SER A 2 10.79 7.58 -12.48
N SER A 3 10.29 6.60 -13.23
CA SER A 3 9.06 6.78 -14.00
C SER A 3 7.97 5.83 -13.52
N GLY A 4 6.72 6.23 -13.68
CA GLY A 4 5.60 5.40 -13.25
C GLY A 4 5.50 4.13 -14.07
N SER A 5 4.80 3.14 -13.52
CA SER A 5 4.62 1.85 -14.20
C SER A 5 3.52 1.94 -15.24
N SER A 6 3.89 1.80 -16.51
CA SER A 6 2.92 1.87 -17.60
C SER A 6 2.07 0.60 -17.65
N GLY A 7 0.76 0.77 -17.62
CA GLY A 7 -0.14 -0.37 -17.67
C GLY A 7 -0.22 -1.09 -16.35
N LYS A 8 0.85 -1.82 -16.01
CA LYS A 8 0.90 -2.56 -14.76
C LYS A 8 1.33 -1.66 -13.60
N LYS A 9 0.36 -1.03 -12.95
CA LYS A 9 0.64 -0.14 -11.82
C LYS A 9 0.65 -0.93 -10.51
N ASN A 10 0.96 -0.23 -9.42
CA ASN A 10 1.01 -0.85 -8.10
C ASN A 10 -0.34 -1.45 -7.74
N PRO A 11 -0.30 -2.60 -7.04
CA PRO A 11 -1.52 -3.29 -6.61
C PRO A 11 -2.27 -2.53 -5.52
N CYS A 12 -1.53 -1.79 -4.71
CA CYS A 12 -2.12 -1.02 -3.62
C CYS A 12 -3.38 -0.29 -4.10
N ASN A 13 -3.44 0.00 -5.39
CA ASN A 13 -4.59 0.68 -5.97
C ASN A 13 -5.23 -0.16 -7.06
N ALA A 14 -4.44 -1.04 -7.66
CA ALA A 14 -4.94 -1.91 -8.72
C ALA A 14 -5.99 -2.89 -8.19
N GLU A 15 -5.55 -3.83 -7.37
CA GLU A 15 -6.45 -4.82 -6.80
C GLU A 15 -6.56 -4.64 -5.28
N PHE A 16 -5.46 -4.23 -4.66
CA PHE A 16 -5.43 -4.02 -3.22
C PHE A 16 -6.00 -2.65 -2.86
N GLN A 17 -6.70 -2.04 -3.80
CA GLN A 17 -7.30 -0.72 -3.58
C GLN A 17 -8.00 -0.65 -2.23
N ASN A 18 -8.79 -1.69 -1.93
CA ASN A 18 -9.52 -1.74 -0.66
C ASN A 18 -8.62 -2.25 0.45
N PHE A 19 -7.65 -3.08 0.11
CA PHE A 19 -6.73 -3.64 1.09
C PHE A 19 -6.43 -2.63 2.19
N CYS A 20 -5.98 -1.44 1.79
CA CYS A 20 -5.66 -0.38 2.73
C CYS A 20 -6.86 0.54 2.95
N ILE A 21 -7.68 0.21 3.94
CA ILE A 21 -8.87 1.01 4.24
C ILE A 21 -8.48 2.43 4.64
N HIS A 22 -7.72 2.55 5.72
CA HIS A 22 -7.28 3.86 6.19
C HIS A 22 -5.77 3.85 6.49
N GLY A 23 -4.99 4.43 5.58
CA GLY A 23 -3.56 4.48 5.77
C GLY A 23 -2.81 4.57 4.46
N GLU A 24 -1.50 4.82 4.54
CA GLU A 24 -0.67 4.93 3.34
C GLU A 24 -0.19 3.56 2.87
N CYS A 25 -0.50 3.25 1.61
CA CYS A 25 -0.11 1.96 1.04
C CYS A 25 1.22 2.09 0.27
N LYS A 26 2.03 1.05 0.34
CA LYS A 26 3.32 1.04 -0.35
C LYS A 26 3.66 -0.36 -0.85
N TYR A 27 3.75 -0.51 -2.16
CA TYR A 27 4.07 -1.81 -2.77
C TYR A 27 5.58 -2.08 -2.68
N ILE A 28 5.93 -3.23 -2.14
CA ILE A 28 7.33 -3.62 -2.01
C ILE A 28 7.76 -4.53 -3.15
N GLU A 29 8.80 -4.13 -3.87
CA GLU A 29 9.31 -4.91 -5.00
C GLU A 29 10.33 -5.95 -4.52
N HIS A 30 11.44 -5.47 -3.97
CA HIS A 30 12.49 -6.34 -3.48
C HIS A 30 11.91 -7.45 -2.61
N LEU A 31 10.70 -7.23 -2.10
CA LEU A 31 10.04 -8.20 -1.25
C LEU A 31 8.93 -8.93 -2.02
N GLU A 32 8.42 -8.27 -3.06
CA GLU A 32 7.35 -8.85 -3.87
C GLU A 32 6.09 -9.09 -3.04
N ALA A 33 5.77 -8.12 -2.19
CA ALA A 33 4.58 -8.22 -1.34
C ALA A 33 3.91 -6.86 -1.17
N VAL A 34 2.67 -6.87 -0.71
CA VAL A 34 1.92 -5.64 -0.52
C VAL A 34 1.65 -5.39 0.97
N THR A 35 1.81 -4.14 1.39
CA THR A 35 1.59 -3.77 2.78
C THR A 35 0.94 -2.39 2.89
N CYS A 36 0.23 -2.17 3.99
CA CYS A 36 -0.44 -0.89 4.22
C CYS A 36 -0.07 -0.32 5.59
N LYS A 37 0.42 0.91 5.59
CA LYS A 37 0.80 1.58 6.84
C LYS A 37 -0.42 2.14 7.55
N CYS A 38 -0.35 2.18 8.88
CA CYS A 38 -1.45 2.70 9.69
C CYS A 38 -1.02 3.92 10.48
N GLN A 39 -1.80 4.99 10.39
CA GLN A 39 -1.50 6.22 11.11
C GLN A 39 -1.59 6.02 12.61
N GLN A 40 -1.02 6.95 13.37
CA GLN A 40 -1.03 6.88 14.83
C GLN A 40 -2.40 6.42 15.33
N GLU A 41 -3.46 6.85 14.66
CA GLU A 41 -4.81 6.47 15.03
C GLU A 41 -5.09 5.01 14.70
N TYR A 42 -4.68 4.60 13.50
CA TYR A 42 -4.88 3.22 13.07
C TYR A 42 -3.70 2.34 13.46
N PHE A 43 -3.82 1.05 13.17
CA PHE A 43 -2.76 0.10 13.49
C PHE A 43 -2.99 -1.24 12.78
N GLY A 44 -2.00 -2.12 12.85
CA GLY A 44 -2.12 -3.42 12.22
C GLY A 44 -1.57 -3.42 10.81
N GLU A 45 -2.21 -4.19 9.92
CA GLU A 45 -1.78 -4.27 8.53
C GLU A 45 -2.67 -3.44 7.63
N ARG A 46 -3.94 -3.83 7.52
CA ARG A 46 -4.90 -3.12 6.69
C ARG A 46 -5.16 -1.73 7.24
N CYS A 47 -5.08 -1.59 8.56
CA CYS A 47 -5.32 -0.30 9.22
C CYS A 47 -6.78 0.11 9.10
N GLY A 48 -7.68 -0.80 9.46
CA GLY A 48 -9.10 -0.52 9.38
C GLY A 48 -9.64 0.04 10.68
N GLU A 49 -9.04 -0.35 11.79
CA GLU A 49 -9.48 0.10 13.11
C GLU A 49 -8.60 1.25 13.61
N LYS A 50 -9.22 2.20 14.28
CA LYS A 50 -8.50 3.36 14.81
C LYS A 50 -8.62 3.43 16.33
N GLY A 1 8.70 7.93 -29.21
CA GLY A 1 9.27 7.00 -28.25
C GLY A 1 9.47 7.63 -26.88
N SER A 2 10.73 7.77 -26.49
CA SER A 2 11.06 8.35 -25.20
C SER A 2 10.08 7.89 -24.12
N SER A 3 9.74 6.61 -24.15
CA SER A 3 8.81 6.03 -23.18
C SER A 3 9.18 4.59 -22.87
N GLY A 4 9.52 4.33 -21.61
CA GLY A 4 9.88 2.99 -21.20
C GLY A 4 9.89 2.83 -19.68
N SER A 5 10.94 3.33 -19.05
CA SER A 5 11.07 3.24 -17.60
C SER A 5 9.87 3.85 -16.90
N SER A 6 9.53 5.08 -17.29
CA SER A 6 8.41 5.80 -16.71
C SER A 6 7.10 5.07 -17.00
N GLY A 7 6.44 4.60 -15.96
CA GLY A 7 5.17 3.89 -16.12
C GLY A 7 5.14 2.58 -15.37
N LYS A 8 4.71 2.63 -14.12
CA LYS A 8 4.62 1.44 -13.29
C LYS A 8 3.28 1.37 -12.56
N LYS A 9 2.52 0.31 -12.83
CA LYS A 9 1.22 0.13 -12.20
C LYS A 9 1.36 -0.63 -10.88
N ASN A 10 1.09 0.06 -9.78
CA ASN A 10 1.17 -0.54 -8.45
C ASN A 10 -0.11 -1.29 -8.11
N PRO A 11 0.04 -2.41 -7.40
CA PRO A 11 -1.10 -3.25 -6.99
C PRO A 11 -1.96 -2.57 -5.92
N CYS A 12 -1.33 -1.72 -5.12
CA CYS A 12 -2.04 -1.01 -4.06
C CYS A 12 -3.27 -0.30 -4.61
N ASN A 13 -3.17 0.16 -5.86
CA ASN A 13 -4.28 0.87 -6.51
C ASN A 13 -4.88 0.02 -7.62
N ALA A 14 -4.51 -1.25 -7.65
CA ALA A 14 -5.02 -2.17 -8.67
C ALA A 14 -6.05 -3.12 -8.10
N GLU A 15 -5.60 -4.03 -7.23
CA GLU A 15 -6.49 -5.00 -6.60
C GLU A 15 -6.43 -4.90 -5.08
N PHE A 16 -5.31 -4.36 -4.58
CA PHE A 16 -5.13 -4.21 -3.14
C PHE A 16 -5.64 -2.86 -2.66
N GLN A 17 -6.49 -2.23 -3.46
CA GLN A 17 -7.06 -0.93 -3.12
C GLN A 17 -7.94 -1.04 -1.89
N ASN A 18 -8.71 -2.11 -1.82
CA ASN A 18 -9.61 -2.33 -0.69
C ASN A 18 -8.84 -2.74 0.56
N PHE A 19 -7.68 -3.35 0.36
CA PHE A 19 -6.84 -3.78 1.47
C PHE A 19 -6.66 -2.66 2.49
N CYS A 20 -6.07 -1.55 2.05
CA CYS A 20 -5.83 -0.40 2.91
C CYS A 20 -7.03 0.54 2.90
N ILE A 21 -7.71 0.65 4.04
CA ILE A 21 -8.87 1.52 4.15
C ILE A 21 -8.47 2.92 4.62
N HIS A 22 -7.83 2.98 5.79
CA HIS A 22 -7.39 4.24 6.35
C HIS A 22 -5.89 4.25 6.58
N GLY A 23 -5.12 4.53 5.53
CA GLY A 23 -3.68 4.55 5.64
C GLY A 23 -3.00 4.65 4.29
N GLU A 24 -1.67 4.79 4.31
CA GLU A 24 -0.89 4.89 3.08
C GLU A 24 -0.46 3.52 2.60
N CYS A 25 -0.70 3.24 1.32
CA CYS A 25 -0.33 1.96 0.74
C CYS A 25 1.00 2.06 -0.01
N LYS A 26 1.85 1.05 0.16
CA LYS A 26 3.16 1.03 -0.49
C LYS A 26 3.55 -0.39 -0.88
N TYR A 27 3.56 -0.66 -2.18
CA TYR A 27 3.91 -1.98 -2.68
C TYR A 27 5.42 -2.23 -2.56
N ILE A 28 5.78 -3.32 -1.90
CA ILE A 28 7.18 -3.66 -1.71
C ILE A 28 7.69 -4.52 -2.88
N GLU A 29 8.69 -3.99 -3.59
CA GLU A 29 9.27 -4.70 -4.72
C GLU A 29 10.37 -5.66 -4.26
N HIS A 30 11.39 -5.10 -3.63
CA HIS A 30 12.50 -5.90 -3.13
C HIS A 30 12.01 -7.21 -2.53
N LEU A 31 10.76 -7.23 -2.08
CA LEU A 31 10.17 -8.42 -1.49
C LEU A 31 8.96 -8.89 -2.29
N GLU A 32 8.47 -8.02 -3.16
CA GLU A 32 7.32 -8.35 -4.00
C GLU A 32 6.09 -8.65 -3.14
N ALA A 33 5.86 -7.81 -2.14
CA ALA A 33 4.72 -7.98 -1.25
C ALA A 33 3.93 -6.69 -1.10
N VAL A 34 2.78 -6.77 -0.44
CA VAL A 34 1.94 -5.60 -0.22
C VAL A 34 1.80 -5.29 1.25
N THR A 35 1.69 -4.00 1.57
CA THR A 35 1.55 -3.57 2.96
C THR A 35 0.67 -2.34 3.06
N CYS A 36 0.16 -2.07 4.26
CA CYS A 36 -0.70 -0.92 4.49
C CYS A 36 -0.21 -0.10 5.68
N LYS A 37 0.37 1.06 5.40
CA LYS A 37 0.88 1.94 6.44
C LYS A 37 -0.27 2.57 7.23
N CYS A 38 -0.44 2.12 8.47
CA CYS A 38 -1.50 2.64 9.33
C CYS A 38 -1.00 3.81 10.16
N GLN A 39 -1.79 4.88 10.19
CA GLN A 39 -1.43 6.07 10.95
C GLN A 39 -1.22 5.74 12.42
N GLN A 40 -0.35 6.51 13.07
CA GLN A 40 -0.07 6.30 14.49
C GLN A 40 -1.32 5.86 15.24
N GLU A 41 -2.40 6.58 15.03
CA GLU A 41 -3.67 6.27 15.69
C GLU A 41 -4.22 4.93 15.21
N TYR A 42 -4.17 4.71 13.90
CA TYR A 42 -4.66 3.47 13.32
C TYR A 42 -3.66 2.33 13.51
N PHE A 43 -4.06 1.12 13.17
CA PHE A 43 -3.21 -0.05 13.31
C PHE A 43 -3.88 -1.30 12.74
N GLY A 44 -3.12 -2.39 12.68
CA GLY A 44 -3.66 -3.63 12.14
C GLY A 44 -3.40 -3.79 10.66
N GLU A 45 -3.27 -5.04 10.21
CA GLU A 45 -3.01 -5.32 8.81
C GLU A 45 -3.78 -4.37 7.91
N ARG A 46 -5.10 -4.35 8.09
CA ARG A 46 -5.96 -3.48 7.28
C ARG A 46 -6.41 -2.26 8.09
N CYS A 47 -5.62 -1.19 8.02
CA CYS A 47 -5.92 0.04 8.74
C CYS A 47 -7.42 0.32 8.73
N GLY A 48 -7.96 0.65 9.89
CA GLY A 48 -9.39 0.94 10.00
C GLY A 48 -9.79 1.39 11.40
N GLU A 49 -9.34 0.65 12.41
CA GLU A 49 -9.66 0.98 13.78
C GLU A 49 -8.45 1.55 14.51
N LYS A 50 -8.61 2.75 15.07
CA LYS A 50 -7.52 3.40 15.79
C LYS A 50 -7.73 3.28 17.30
#